data_6EED
#
_entry.id   6EED
#
_cell.length_a   75.149
_cell.length_b   109.230
_cell.length_c   117.920
_cell.angle_alpha   90.000
_cell.angle_beta   90.000
_cell.angle_gamma   90.000
#
_symmetry.space_group_name_H-M   'P 21 21 21'
#
loop_
_entity.id
_entity.type
_entity.pdbx_description
1 polymer 'M1 family aminopeptidase'
2 non-polymer 'ZINC ION'
3 non-polymer "(2R)-2-[(cyclohexylacetyl)amino]-N-hydroxy-2-(3',4',5'-trifluoro[1,1'-biphenyl]-4-yl)acetamide"
4 non-polymer 'MAGNESIUM ION'
5 non-polymer GLYCEROL
6 non-polymer 'DIMETHYL SULFOXIDE'
7 non-polymer 'PHOSPHATE ION'
8 water water
#
_entity_poly.entity_id   1
_entity_poly.type   'polypeptide(L)'
_entity_poly.pdbx_seq_one_letter_code
;PKIHYRKDYKPSGFIINQVTLNINIHDQETIVRSVLDMDISKHNVGEDLVFDGVGLKINEISINNKKLVEGEEYTYDNEF
LTIFSKFVPKSKFAFSSEVIIHPETNYALTGLYKSKNIIVSQCEATGFRRITFFIDRPDMMAKYDVTVTADKEKYPVLLS
NGDKVNEFEIPGGRHGARFNDPPLKPCYLFAVVAGDLKHLSATYITKYTKKKVELYVFSEEKYVSKLQWALECLKKSMAF
DEDYFGLEYDLSRLNLVAVSDFNVGAMENKGLNIFNANSLLASKKNSIDFSYARILTVVGHEYFHQYTGNRVTLRDWFQL
TLKEGLTVHRENLFSEEMTKTVTTRLSHVDLLRSVQFLEDSSPLSHPIRPESYVSMENFYTTTVYDKGSEVMRMYLTILG
EEYYKKGFDIYIKKNDGNTATCEDFNYAMEQAYKMKKADNSANLNQYLLWFSQSGTPHVSFKYNYDAEKKQYSIHVNQYT
KPDENQKEKKPLFIPISVGLINPENGKEMISQTTLELTKESDTFVFNNIAVKPIPSLFRGFSAPVYIEDQLTDEERILLL
KYDSDAFVRYNSCTNIYMKQILMNYNEFLKAKNEKLESFQLTPVNAQFIDAIKYLLEDPHADAGFKSYIVSLPQDRYIIN
FVSNLDTDVLADTKEYIYKQIGDKLNDVYYKMFKSLEAKADDLTYFNDESHVDFDQMNMRTLRNTLLSLLSKAQYPNILN
EIIEHSKSPYPSNWLTSLSVSAYFDKYFELYDKTYKLSKDDELLLQEWLKTVSRSDRKDIYEILKKLENEVLKDSKNPND
IRAVYLPFTNNLRRFHDISGKGYKLIAEVITKTDKFNPMVATQLCEPFKLWNKLDTKRQELMLNEMNTMLQEPQISNNLK
EYLLRLTNK
;
_entity_poly.pdbx_strand_id   A
#
# COMPACT_ATOMS: atom_id res chain seq x y z
N PRO A 1 -3.84 -8.47 27.35
CA PRO A 1 -3.35 -7.36 26.53
C PRO A 1 -4.21 -6.12 26.70
N LYS A 2 -3.60 -4.94 26.77
CA LYS A 2 -4.36 -3.71 26.94
C LYS A 2 -5.09 -3.32 25.66
N ILE A 3 -6.41 -3.16 25.74
CA ILE A 3 -7.18 -2.68 24.60
C ILE A 3 -7.38 -1.17 24.72
N HIS A 4 -7.03 -0.42 23.67
CA HIS A 4 -7.23 1.01 23.67
C HIS A 4 -8.52 1.32 22.89
N TYR A 5 -9.36 2.20 23.43
CA TYR A 5 -10.65 2.52 22.81
C TYR A 5 -10.71 3.95 22.33
N ARG A 6 -11.22 4.13 21.11
CA ARG A 6 -11.31 5.47 20.52
C ARG A 6 -12.04 6.46 21.43
N LYS A 7 -13.11 6.01 22.07
CA LYS A 7 -13.93 6.91 22.86
C LYS A 7 -13.28 7.35 24.15
N ASP A 8 -12.16 6.73 24.51
CA ASP A 8 -11.48 7.00 25.78
C ASP A 8 -10.42 8.09 25.68
N TYR A 9 -10.28 8.69 24.50
CA TYR A 9 -9.27 9.75 24.32
C TYR A 9 -9.41 10.85 25.37
N LYS A 10 -8.30 11.20 26.00
CA LYS A 10 -8.25 12.33 26.91
C LYS A 10 -6.83 12.89 26.90
N PRO A 11 -6.70 14.23 26.90
CA PRO A 11 -5.38 14.84 26.96
C PRO A 11 -4.59 14.40 28.19
N SER A 12 -3.27 14.37 28.05
CA SER A 12 -2.34 14.04 29.13
C SER A 12 -2.38 15.04 30.27
N GLY A 13 -2.13 14.58 31.49
CA GLY A 13 -1.90 15.50 32.60
C GLY A 13 -0.54 16.18 32.58
N PHE A 14 0.24 15.91 31.54
CA PHE A 14 1.58 16.47 31.43
C PHE A 14 1.80 17.11 30.08
N ILE A 15 2.86 17.93 30.04
CA ILE A 15 3.34 18.57 28.83
C ILE A 15 4.85 18.34 28.73
N ILE A 16 5.32 18.07 27.52
CA ILE A 16 6.76 18.03 27.24
C ILE A 16 7.03 19.15 26.24
N ASN A 17 7.78 20.17 26.68
CA ASN A 17 8.04 21.34 25.83
C ASN A 17 9.31 21.23 25.01
N GLN A 18 10.34 20.65 25.61
CA GLN A 18 11.64 20.56 24.97
C GLN A 18 12.25 19.18 25.22
N VAL A 19 12.79 18.60 24.16
CA VAL A 19 13.58 17.37 24.23
C VAL A 19 15.02 17.72 23.90
N THR A 20 15.96 17.37 24.75
CA THR A 20 17.37 17.55 24.41
C THR A 20 18.04 16.19 24.51
N LEU A 21 18.43 15.65 23.35
CA LEU A 21 19.00 14.30 23.27
C LEU A 21 20.48 14.29 22.95
N ASN A 22 21.18 13.33 23.55
CA ASN A 22 22.55 12.98 23.13
C ASN A 22 22.53 11.49 22.87
N ILE A 23 22.75 11.10 21.61
CA ILE A 23 22.78 9.71 21.19
C ILE A 23 24.23 9.35 20.85
N ASN A 24 24.86 8.53 21.70
CA ASN A 24 26.25 8.19 21.52
C ASN A 24 26.40 6.76 21.08
N ILE A 25 26.72 6.55 19.81
CA ILE A 25 26.77 5.25 19.21
C ILE A 25 28.13 4.62 19.42
N HIS A 26 28.15 3.46 20.08
CA HIS A 26 29.42 2.74 20.27
C HIS A 26 29.33 1.39 19.62
N ASP A 27 30.45 0.66 19.65
CA ASP A 27 30.52 -0.62 18.96
C ASP A 27 29.50 -1.64 19.46
N GLN A 28 29.38 -1.78 20.77
CA GLN A 28 28.54 -2.82 21.36
CA GLN A 28 28.53 -2.81 21.34
C GLN A 28 27.23 -2.31 21.98
N GLU A 29 27.04 -1.00 21.99
CA GLU A 29 25.86 -0.42 22.62
C GLU A 29 25.73 1.02 22.18
N THR A 30 24.54 1.57 22.38
CA THR A 30 24.32 2.99 22.15
C THR A 30 23.76 3.59 23.44
N ILE A 31 24.37 4.71 23.87
CA ILE A 31 23.97 5.37 25.10
C ILE A 31 23.13 6.59 24.75
N VAL A 32 21.95 6.68 25.35
CA VAL A 32 21.04 7.78 25.05
C VAL A 32 20.79 8.57 26.32
N ARG A 33 21.26 9.82 26.31
CA ARG A 33 20.95 10.79 27.38
C ARG A 33 19.86 11.73 26.87
N SER A 34 18.88 12.02 27.72
CA SER A 34 17.75 12.84 27.36
C SER A 34 17.32 13.70 28.51
N VAL A 35 17.16 15.00 28.25
CA VAL A 35 16.54 15.89 29.20
C VAL A 35 15.19 16.35 28.62
N LEU A 36 14.12 16.15 29.37
CA LEU A 36 12.78 16.58 28.98
C LEU A 36 12.38 17.77 29.85
N ASP A 37 12.14 18.92 29.23
CA ASP A 37 11.66 20.06 29.99
C ASP A 37 10.14 19.95 29.96
N MET A 38 9.56 19.77 31.14
CA MET A 38 8.16 19.36 31.26
C MET A 38 7.34 20.32 32.07
N ASP A 39 6.03 20.15 32.01
CA ASP A 39 5.11 20.97 32.78
C ASP A 39 3.91 20.12 33.13
N ILE A 40 3.09 20.66 34.02
CA ILE A 40 1.84 20.06 34.45
C ILE A 40 0.71 20.68 33.62
N SER A 41 -0.15 19.87 33.01
CA SER A 41 -1.25 20.40 32.20
C SER A 41 -2.51 20.68 33.00
N LYS A 42 -3.47 21.36 32.38
CA LYS A 42 -4.73 21.69 33.06
C LYS A 42 -5.55 20.43 33.35
N HIS A 43 -5.19 19.34 32.73
CA HIS A 43 -5.92 18.09 32.95
C HIS A 43 -5.34 17.26 34.05
N ASN A 44 -4.21 17.68 34.59
CA ASN A 44 -3.54 16.93 35.65
C ASN A 44 -4.40 16.80 36.90
N VAL A 45 -4.38 15.61 37.53
CA VAL A 45 -5.11 15.41 38.77
C VAL A 45 -4.25 14.74 39.83
N GLY A 46 -2.95 15.03 39.79
CA GLY A 46 -2.01 14.53 40.78
C GLY A 46 -1.61 13.09 40.56
N GLU A 47 -1.67 12.65 39.31
CA GLU A 47 -1.34 11.27 38.99
C GLU A 47 0.16 11.00 39.01
N ASP A 48 0.52 9.72 39.12
CA ASP A 48 1.88 9.29 38.84
C ASP A 48 2.31 9.78 37.46
N LEU A 49 3.60 10.04 37.31
CA LEU A 49 4.15 10.36 36.00
C LEU A 49 4.57 9.05 35.39
N VAL A 50 3.93 8.66 34.31
CA VAL A 50 4.23 7.39 33.66
C VAL A 50 4.75 7.62 32.25
N PHE A 51 5.98 7.16 32.04
CA PHE A 51 6.60 7.20 30.72
C PHE A 51 6.54 5.84 30.07
N ASP A 52 6.34 5.85 28.76
CA ASP A 52 6.64 4.70 27.95
C ASP A 52 8.13 4.54 27.84
N GLY A 53 8.62 3.31 27.94
CA GLY A 53 10.01 3.03 27.68
C GLY A 53 10.13 1.51 27.58
N VAL A 54 10.48 1.02 26.39
CA VAL A 54 10.40 -0.42 26.12
C VAL A 54 11.79 -0.96 25.87
N GLY A 55 12.22 -1.90 26.71
CA GLY A 55 13.52 -2.49 26.49
C GLY A 55 14.71 -1.63 26.81
N LEU A 56 14.53 -0.63 27.66
CA LEU A 56 15.60 0.29 27.98
C LEU A 56 16.41 -0.21 29.17
N LYS A 57 17.72 -0.06 29.15
CA LYS A 57 18.54 -0.35 30.33
C LYS A 57 18.81 0.98 31.04
N ILE A 58 18.28 1.13 32.25
CA ILE A 58 18.47 2.39 32.98
C ILE A 58 19.88 2.53 33.59
N ASN A 59 20.59 3.59 33.24
CA ASN A 59 21.82 3.93 33.98
C ASN A 59 21.45 4.85 35.12
N GLU A 60 20.73 5.91 34.78
CA GLU A 60 20.14 6.73 35.83
C GLU A 60 18.98 7.58 35.35
N ILE A 61 18.17 8.00 36.32
CA ILE A 61 17.10 8.93 36.02
C ILE A 61 17.05 9.97 37.13
N SER A 62 16.65 11.18 36.76
CA SER A 62 16.65 12.30 37.68
C SER A 62 15.50 13.22 37.38
N ILE A 63 15.12 13.98 38.40
CA ILE A 63 14.21 15.10 38.24
C ILE A 63 14.89 16.34 38.84
N ASN A 64 14.98 17.41 38.05
CA ASN A 64 15.69 18.64 38.47
C ASN A 64 17.09 18.35 39.02
N ASN A 65 17.79 17.44 38.33
CA ASN A 65 19.17 17.08 38.62
C ASN A 65 19.34 16.41 39.96
N LYS A 66 18.25 15.82 40.48
CA LYS A 66 18.37 14.96 41.65
C LYS A 66 18.06 13.52 41.27
N LYS A 67 19.03 12.65 41.47
CA LYS A 67 18.94 11.25 41.09
C LYS A 67 17.77 10.53 41.80
N LEU A 68 16.91 9.85 41.05
CA LEU A 68 15.78 9.12 41.65
C LEU A 68 16.22 7.72 42.04
N VAL A 69 15.58 7.17 43.07
CA VAL A 69 15.97 5.86 43.60
C VAL A 69 14.92 4.82 43.25
N GLU A 70 15.36 3.73 42.62
CA GLU A 70 14.42 2.67 42.24
C GLU A 70 13.69 2.03 43.43
N GLY A 71 12.41 1.69 43.23
CA GLY A 71 11.60 1.10 44.29
C GLY A 71 10.90 2.11 45.18
N GLU A 72 11.67 3.08 45.67
CA GLU A 72 11.14 4.08 46.59
C GLU A 72 10.40 5.21 45.86
N GLU A 73 10.97 5.61 44.72
CA GLU A 73 10.49 6.78 43.99
C GLU A 73 10.02 6.43 42.59
N TYR A 74 10.59 5.37 42.02
CA TYR A 74 10.12 4.91 40.71
C TYR A 74 10.18 3.40 40.59
N THR A 75 9.32 2.86 39.73
CA THR A 75 9.42 1.48 39.28
C THR A 75 9.52 1.46 37.76
N TYR A 76 10.24 0.47 37.24
CA TYR A 76 10.34 0.23 35.79
C TYR A 76 10.16 -1.26 35.51
N ASP A 77 9.27 -1.59 34.57
CA ASP A 77 8.96 -2.98 34.27
C ASP A 77 9.27 -3.40 32.84
N ASN A 78 10.20 -2.67 32.20
CA ASN A 78 10.59 -2.87 30.78
C ASN A 78 9.56 -2.37 29.77
N GLU A 79 8.49 -1.75 30.26
CA GLU A 79 7.46 -1.19 29.40
C GLU A 79 7.06 0.23 29.83
N PHE A 80 6.91 0.40 31.14
CA PHE A 80 6.49 1.67 31.73
C PHE A 80 7.41 2.04 32.85
N LEU A 81 7.80 3.32 32.87
CA LEU A 81 8.53 3.92 33.96
C LEU A 81 7.52 4.70 34.74
N THR A 82 7.33 4.33 36.01
CA THR A 82 6.36 5.00 36.85
C THR A 82 7.09 5.78 37.95
N ILE A 83 6.93 7.10 37.95
CA ILE A 83 7.43 7.93 39.04
C ILE A 83 6.26 8.34 39.92
N PHE A 84 6.31 7.95 41.19
CA PHE A 84 5.18 8.13 42.07
C PHE A 84 4.91 9.61 42.27
N SER A 85 3.64 9.96 42.27
CA SER A 85 3.22 11.34 42.22
C SER A 85 3.80 12.22 43.31
N LYS A 86 4.08 11.65 44.48
CA LYS A 86 4.65 12.47 45.56
C LYS A 86 6.05 12.99 45.18
N PHE A 87 6.65 12.44 44.13
CA PHE A 87 7.97 12.88 43.73
C PHE A 87 7.95 13.66 42.43
N VAL A 88 6.76 13.93 41.93
CA VAL A 88 6.58 14.68 40.69
C VAL A 88 6.31 16.14 41.02
N PRO A 89 7.13 17.06 40.46
CA PRO A 89 6.93 18.49 40.77
C PRO A 89 5.55 19.01 40.37
N LYS A 90 5.15 20.15 40.93
CA LYS A 90 3.83 20.68 40.63
C LYS A 90 3.89 21.84 39.64
N SER A 91 5.09 22.22 39.24
CA SER A 91 5.29 23.26 38.23
C SER A 91 6.35 22.76 37.26
N LYS A 92 6.81 23.65 36.38
CA LYS A 92 7.81 23.27 35.36
C LYS A 92 9.01 22.57 35.98
N PHE A 93 9.40 21.46 35.36
CA PHE A 93 10.53 20.67 35.85
C PHE A 93 11.28 20.00 34.71
N ALA A 94 12.49 19.54 35.01
CA ALA A 94 13.30 18.79 34.06
C ALA A 94 13.35 17.33 34.49
N PHE A 95 13.03 16.42 33.57
CA PHE A 95 13.25 14.99 33.77
C PHE A 95 14.46 14.59 32.94
N SER A 96 15.40 13.84 33.51
CA SER A 96 16.51 13.41 32.70
C SER A 96 16.78 11.93 32.89
N SER A 97 17.35 11.33 31.86
CA SER A 97 17.70 9.92 31.94
C SER A 97 18.89 9.61 31.08
N GLU A 98 19.56 8.51 31.42
CA GLU A 98 20.55 7.92 30.56
C GLU A 98 20.24 6.45 30.46
N VAL A 99 20.04 5.98 29.25
CA VAL A 99 19.71 4.56 29.02
C VAL A 99 20.64 3.97 28.00
N ILE A 100 20.71 2.64 28.00
CA ILE A 100 21.51 1.93 27.02
C ILE A 100 20.61 1.10 26.14
N ILE A 101 20.83 1.19 24.82
CA ILE A 101 20.06 0.38 23.87
C ILE A 101 21.05 -0.28 22.92
N HIS A 102 20.55 -1.20 22.08
CA HIS A 102 21.47 -2.08 21.34
C HIS A 102 21.04 -2.23 19.88
N PRO A 103 21.31 -1.21 19.06
CA PRO A 103 20.80 -1.28 17.67
C PRO A 103 21.33 -2.47 16.86
N GLU A 104 22.55 -2.95 17.13
CA GLU A 104 23.12 -4.07 16.37
C GLU A 104 22.25 -5.31 16.40
N THR A 105 21.57 -5.55 17.51
CA THR A 105 20.78 -6.79 17.61
C THR A 105 19.28 -6.52 17.56
N ASN A 106 18.91 -5.33 17.11
CA ASN A 106 17.51 -4.97 17.03
C ASN A 106 16.95 -5.40 15.68
N TYR A 107 16.65 -6.69 15.56
CA TYR A 107 16.23 -7.21 14.26
C TYR A 107 14.75 -6.99 13.95
N ALA A 108 13.99 -6.42 14.89
CA ALA A 108 12.59 -6.09 14.65
C ALA A 108 12.42 -4.80 13.83
N LEU A 109 13.52 -4.03 13.71
CA LEU A 109 13.60 -2.82 12.84
C LEU A 109 12.60 -1.75 13.29
N THR A 110 12.43 -1.64 14.60
CA THR A 110 11.61 -0.58 15.19
C THR A 110 12.43 0.04 16.31
N GLY A 111 12.30 1.34 16.52
CA GLY A 111 13.24 2.02 17.41
C GLY A 111 14.52 2.38 16.66
N LEU A 112 15.67 2.24 17.33
CA LEU A 112 16.98 2.49 16.73
C LEU A 112 17.59 1.13 16.36
N TYR A 113 18.00 0.96 15.09
CA TYR A 113 18.50 -0.33 14.65
C TYR A 113 19.58 -0.18 13.64
N LYS A 114 20.27 -1.28 13.38
CA LYS A 114 21.35 -1.31 12.41
C LYS A 114 20.90 -2.08 11.19
N SER A 115 21.04 -1.46 10.02
CA SER A 115 20.74 -2.07 8.73
C SER A 115 22.02 -2.11 7.95
N LYS A 116 22.62 -3.30 7.87
CA LYS A 116 23.95 -3.46 7.27
C LYS A 116 24.90 -2.54 8.04
N ASN A 117 25.46 -1.50 7.41
CA ASN A 117 26.37 -0.61 8.14
C ASN A 117 25.79 0.77 8.40
N ILE A 118 24.46 0.86 8.35
CA ILE A 118 23.77 2.12 8.61
C ILE A 118 22.97 1.99 9.90
N ILE A 119 23.13 2.95 10.79
CA ILE A 119 22.29 3.07 11.98
C ILE A 119 21.10 3.95 11.61
N VAL A 120 19.88 3.51 11.90
CA VAL A 120 18.70 4.22 11.44
C VAL A 120 17.55 4.02 12.43
N SER A 121 16.65 4.98 12.52
CA SER A 121 15.47 4.82 13.39
C SER A 121 14.19 4.61 12.61
N GLN A 122 13.22 3.98 13.26
CA GLN A 122 11.84 3.94 12.78
C GLN A 122 10.95 4.09 14.00
N CYS A 123 10.31 5.24 14.14
CA CYS A 123 9.57 5.52 15.37
C CYS A 123 8.05 5.44 15.21
N GLU A 124 7.50 5.62 14.00
CA GLU A 124 6.07 5.45 13.88
C GLU A 124 5.74 3.98 14.10
N ALA A 125 4.68 3.62 14.85
CA ALA A 125 3.83 4.54 15.64
C ALA A 125 4.38 4.80 17.02
N THR A 126 4.77 3.73 17.72
CA THR A 126 5.15 3.82 19.12
C THR A 126 6.56 3.25 19.33
N GLY A 127 7.46 3.56 18.38
CA GLY A 127 8.84 3.12 18.48
C GLY A 127 9.78 4.13 19.17
N PHE A 128 9.38 5.40 19.34
CA PHE A 128 10.31 6.31 20.03
C PHE A 128 10.60 5.81 21.45
N ARG A 129 9.61 5.19 22.08
CA ARG A 129 9.81 4.66 23.43
C ARG A 129 10.86 3.52 23.50
N ARG A 130 11.28 3.00 22.36
CA ARG A 130 12.38 2.03 22.32
C ARG A 130 13.75 2.72 22.27
N ILE A 131 13.74 4.06 22.19
CA ILE A 131 14.98 4.84 22.14
C ILE A 131 15.22 5.56 23.47
N THR A 132 14.17 6.11 24.04
CA THR A 132 14.27 6.77 25.34
C THR A 132 12.88 6.91 25.95
N PHE A 133 12.81 7.31 27.22
CA PHE A 133 11.51 7.49 27.88
C PHE A 133 10.74 8.64 27.30
N PHE A 134 9.44 8.44 27.13
CA PHE A 134 8.63 9.54 26.59
C PHE A 134 7.17 9.26 26.89
N ILE A 135 6.34 10.29 26.82
CA ILE A 135 4.90 10.03 26.76
C ILE A 135 4.57 9.90 25.25
N ASP A 136 4.61 8.66 24.78
CA ASP A 136 4.78 8.36 23.37
C ASP A 136 3.42 8.25 22.69
N ARG A 137 2.89 9.42 22.36
CA ARG A 137 1.57 9.56 21.72
C ARG A 137 1.66 10.86 20.93
N PRO A 138 0.93 10.94 19.82
CA PRO A 138 1.21 12.02 18.85
C PRO A 138 0.69 13.38 19.26
N ASP A 139 -0.13 13.46 20.31
CA ASP A 139 -0.55 14.78 20.77
C ASP A 139 0.42 15.43 21.74
N MET A 140 1.55 14.77 22.03
CA MET A 140 2.57 15.36 22.91
C MET A 140 3.64 16.04 22.05
N MET A 141 3.37 17.29 21.64
CA MET A 141 4.20 18.04 20.71
C MET A 141 5.34 18.72 21.44
N ALA A 142 6.56 18.67 20.88
CA ALA A 142 7.68 19.27 21.60
C ALA A 142 8.74 19.75 20.61
N LYS A 143 9.66 20.57 21.11
CA LYS A 143 10.85 21.03 20.38
C LYS A 143 11.97 20.02 20.59
N TYR A 144 12.82 19.82 19.58
CA TYR A 144 13.91 18.83 19.67
C TYR A 144 15.27 19.42 19.38
N ASP A 145 16.21 19.09 20.24
CA ASP A 145 17.61 19.50 20.08
C ASP A 145 18.41 18.22 20.24
N VAL A 146 18.99 17.74 19.14
CA VAL A 146 19.54 16.39 19.11
C VAL A 146 21.01 16.37 18.72
N THR A 147 21.84 15.73 19.56
CA THR A 147 23.24 15.55 19.25
C THR A 147 23.54 14.06 19.05
N VAL A 148 24.22 13.73 17.96
CA VAL A 148 24.58 12.36 17.69
C VAL A 148 26.09 12.27 17.65
N THR A 149 26.68 11.28 18.33
CA THR A 149 28.12 11.09 18.20
C THR A 149 28.41 9.64 17.79
N ALA A 150 29.54 9.44 17.13
CA ALA A 150 29.88 8.13 16.57
C ALA A 150 31.32 8.10 16.10
N ASP A 151 31.80 6.89 15.84
CA ASP A 151 33.10 6.70 15.21
C ASP A 151 33.07 7.33 13.84
N LYS A 152 34.06 8.17 13.54
CA LYS A 152 34.01 8.96 12.33
C LYS A 152 34.25 8.14 11.07
N GLU A 153 35.15 7.16 11.14
CA GLU A 153 35.42 6.31 9.99
C GLU A 153 34.21 5.46 9.63
N LYS A 154 33.55 4.88 10.63
CA LYS A 154 32.40 4.02 10.33
C LYS A 154 31.17 4.86 9.96
N TYR A 155 31.05 6.02 10.59
CA TYR A 155 29.82 6.80 10.49
C TYR A 155 30.08 8.26 10.17
N PRO A 156 30.58 8.55 8.95
CA PRO A 156 30.97 9.93 8.66
C PRO A 156 29.78 10.87 8.44
N VAL A 157 28.61 10.32 8.06
CA VAL A 157 27.42 11.13 7.82
C VAL A 157 26.46 10.94 8.96
N LEU A 158 26.11 12.04 9.63
CA LEU A 158 25.19 12.09 10.77
C LEU A 158 24.01 12.99 10.38
N LEU A 159 22.79 12.50 10.58
CA LEU A 159 21.58 13.25 10.23
C LEU A 159 20.52 13.12 11.31
N SER A 160 19.79 14.21 11.53
CA SER A 160 18.56 14.15 12.30
C SER A 160 17.64 15.24 11.77
N ASN A 161 16.49 15.45 12.41
CA ASN A 161 15.61 16.51 11.98
C ASN A 161 16.14 17.91 12.26
N GLY A 162 15.69 18.90 11.48
CA GLY A 162 16.05 20.29 11.71
C GLY A 162 17.36 20.73 11.10
N ASP A 163 17.92 21.83 11.58
CA ASP A 163 19.15 22.36 10.99
C ASP A 163 20.35 21.83 11.73
N LYS A 164 21.37 21.43 10.97
CA LYS A 164 22.65 21.08 11.56
C LYS A 164 23.32 22.36 12.05
N VAL A 165 23.47 22.50 13.35
CA VAL A 165 23.99 23.75 13.90
C VAL A 165 25.41 23.62 14.42
N ASN A 166 25.92 22.40 14.56
CA ASN A 166 27.31 22.23 14.96
C ASN A 166 27.85 20.88 14.50
N GLU A 167 29.16 20.85 14.22
CA GLU A 167 29.87 19.62 13.91
C GLU A 167 31.15 19.69 14.69
N PHE A 168 31.56 18.61 15.34
CA PHE A 168 32.74 18.70 16.17
C PHE A 168 33.48 17.38 16.27
N GLU A 169 34.79 17.49 16.49
CA GLU A 169 35.65 16.32 16.68
C GLU A 169 35.64 15.88 18.13
N ILE A 170 35.80 14.59 18.35
CA ILE A 170 35.83 13.99 19.69
C ILE A 170 37.04 13.07 19.79
N PRO A 171 37.74 13.10 20.93
CA PRO A 171 38.87 12.18 21.12
C PRO A 171 38.56 10.72 20.83
N GLY A 172 39.57 10.01 20.35
CA GLY A 172 39.44 8.60 20.07
C GLY A 172 38.81 8.28 18.71
N GLY A 173 38.95 9.17 17.74
CA GLY A 173 38.42 8.89 16.42
C GLY A 173 36.93 9.11 16.25
N ARG A 174 36.31 9.84 17.18
CA ARG A 174 34.87 10.10 17.11
C ARG A 174 34.53 11.51 16.61
N HIS A 175 33.26 11.73 16.29
CA HIS A 175 32.80 13.08 15.96
CA HIS A 175 32.80 13.08 15.96
C HIS A 175 31.32 13.16 16.31
N GLY A 176 30.81 14.38 16.31
CA GLY A 176 29.42 14.62 16.67
C GLY A 176 28.80 15.67 15.76
N ALA A 177 27.48 15.68 15.71
CA ALA A 177 26.72 16.72 15.02
C ALA A 177 25.50 17.02 15.86
N ARG A 178 25.18 18.30 15.95
CA ARG A 178 24.04 18.79 16.68
C ARG A 178 23.02 19.33 15.71
N PHE A 179 21.76 18.93 15.91
CA PHE A 179 20.63 19.30 15.06
C PHE A 179 19.56 19.97 15.90
N ASN A 180 19.19 21.20 15.59
CA ASN A 180 18.13 21.88 16.33
C ASN A 180 16.91 22.02 15.46
N ASP A 181 15.77 21.52 15.94
CA ASP A 181 14.51 21.55 15.18
C ASP A 181 13.47 22.30 16.01
N PRO A 182 13.41 23.63 15.89
CA PRO A 182 12.50 24.37 16.77
C PRO A 182 10.97 24.14 16.62
N PRO A 183 10.44 23.92 15.41
CA PRO A 183 8.99 23.70 15.26
C PRO A 183 8.53 22.48 16.07
N LEU A 184 7.37 22.60 16.72
CA LEU A 184 6.82 21.45 17.45
C LEU A 184 6.59 20.26 16.54
N LYS A 185 6.84 19.06 17.06
CA LYS A 185 6.46 17.84 16.34
C LYS A 185 6.14 16.73 17.34
N PRO A 186 5.31 15.77 16.91
CA PRO A 186 5.15 14.53 17.66
C PRO A 186 6.40 13.66 17.57
N CYS A 187 6.61 12.81 18.57
CA CYS A 187 7.86 12.05 18.62
C CYS A 187 7.96 10.97 17.53
N TYR A 188 6.85 10.54 16.94
CA TYR A 188 6.97 9.53 15.92
C TYR A 188 7.62 10.06 14.64
N LEU A 189 7.80 11.38 14.55
CA LEU A 189 8.46 11.99 13.39
C LEU A 189 9.94 12.27 13.65
N PHE A 190 10.44 11.96 14.85
CA PHE A 190 11.86 12.01 15.13
C PHE A 190 12.57 10.97 14.27
N ALA A 191 13.75 11.31 13.76
CA ALA A 191 14.62 10.32 13.14
C ALA A 191 16.08 10.65 13.28
N VAL A 192 16.90 9.62 13.24
CA VAL A 192 18.35 9.80 13.19
C VAL A 192 18.91 8.76 12.25
N VAL A 193 19.96 9.15 11.53
CA VAL A 193 20.67 8.26 10.62
C VAL A 193 22.16 8.46 10.80
N ALA A 194 22.93 7.38 10.85
CA ALA A 194 24.37 7.48 10.88
C ALA A 194 24.96 6.46 9.91
N GLY A 195 25.91 6.86 9.07
CA GLY A 195 26.46 5.90 8.13
C GLY A 195 27.48 6.47 7.16
N ASP A 196 28.11 5.59 6.39
CA ASP A 196 29.05 6.04 5.36
C ASP A 196 28.26 6.27 4.08
N LEU A 197 27.41 7.29 4.11
CA LEU A 197 26.44 7.53 3.04
C LEU A 197 27.03 8.38 1.93
N LYS A 198 26.61 8.06 0.71
CA LYS A 198 26.95 8.85 -0.47
C LYS A 198 25.65 9.47 -1.00
N HIS A 199 25.75 10.55 -1.77
CA HIS A 199 24.53 11.26 -2.14
C HIS A 199 24.57 11.87 -3.53
N LEU A 200 23.37 12.23 -3.97
CA LEU A 200 23.16 13.16 -5.05
C LEU A 200 22.37 14.33 -4.48
N SER A 201 22.59 15.53 -4.97
CA SER A 201 21.84 16.66 -4.46
C SER A 201 21.44 17.62 -5.57
N ALA A 202 20.49 18.48 -5.23
CA ALA A 202 20.02 19.54 -6.12
C ALA A 202 19.40 20.67 -5.31
N THR A 203 19.20 21.82 -5.94
CA THR A 203 18.50 22.92 -5.30
C THR A 203 17.16 23.14 -5.99
N TYR A 204 16.09 23.20 -5.22
CA TYR A 204 14.75 23.50 -5.73
C TYR A 204 14.33 24.90 -5.27
N ILE A 205 13.80 25.74 -6.16
CA ILE A 205 13.31 27.05 -5.73
C ILE A 205 11.78 27.07 -5.75
N THR A 206 11.18 27.42 -4.62
CA THR A 206 9.74 27.28 -4.49
C THR A 206 9.01 28.28 -5.38
N LYS A 207 7.78 27.94 -5.72
CA LYS A 207 7.02 28.68 -6.72
C LYS A 207 6.68 30.12 -6.32
N TYR A 208 6.34 30.33 -5.07
CA TYR A 208 5.82 31.65 -4.70
C TYR A 208 6.75 32.42 -3.78
N THR A 209 7.20 31.80 -2.69
CA THR A 209 8.09 32.47 -1.74
C THR A 209 9.50 32.54 -2.29
N LYS A 210 9.77 31.75 -3.34
CA LYS A 210 11.08 31.70 -3.98
C LYS A 210 12.20 31.28 -3.02
N LYS A 211 11.85 30.46 -2.04
CA LYS A 211 12.80 29.88 -1.10
C LYS A 211 13.65 28.79 -1.78
N LYS A 212 14.95 28.81 -1.51
CA LYS A 212 15.87 27.75 -1.96
C LYS A 212 15.78 26.56 -1.02
N VAL A 213 15.46 25.39 -1.55
CA VAL A 213 15.45 24.17 -0.77
C VAL A 213 16.53 23.22 -1.25
N GLU A 214 17.37 22.76 -0.33
CA GLU A 214 18.41 21.78 -0.69
C GLU A 214 17.83 20.39 -0.62
N LEU A 215 18.01 19.61 -1.68
CA LEU A 215 17.50 18.25 -1.78
C LEU A 215 18.65 17.28 -1.80
N TYR A 216 18.63 16.30 -0.91
CA TYR A 216 19.69 15.28 -0.85
C TYR A 216 19.07 13.92 -0.86
N VAL A 217 19.64 13.02 -1.65
CA VAL A 217 19.20 11.62 -1.66
C VAL A 217 20.45 10.79 -1.36
N PHE A 218 20.34 9.88 -0.38
CA PHE A 218 21.48 9.15 0.14
C PHE A 218 21.31 7.64 -0.01
N SER A 219 22.43 6.96 -0.21
CA SER A 219 22.48 5.50 -0.14
C SER A 219 23.87 5.07 0.32
N GLU A 220 24.03 3.78 0.58
CA GLU A 220 25.38 3.25 0.69
C GLU A 220 26.15 3.45 -0.61
N GLU A 221 27.48 3.48 -0.49
CA GLU A 221 28.34 3.78 -1.62
C GLU A 221 28.11 2.88 -2.84
N LYS A 222 27.89 1.59 -2.60
CA LYS A 222 27.74 0.60 -3.66
C LYS A 222 26.62 0.98 -4.65
N TYR A 223 25.59 1.66 -4.14
CA TYR A 223 24.40 1.89 -4.96
C TYR A 223 24.11 3.38 -5.27
N VAL A 224 25.14 4.21 -5.13
CA VAL A 224 24.96 5.62 -5.37
C VAL A 224 24.54 5.90 -6.83
N SER A 225 24.88 5.00 -7.75
CA SER A 225 24.43 5.13 -9.15
C SER A 225 22.94 4.90 -9.37
N LYS A 226 22.22 4.54 -8.31
CA LYS A 226 20.79 4.25 -8.45
C LYS A 226 19.90 5.33 -7.84
N LEU A 227 20.48 6.51 -7.56
CA LEU A 227 19.79 7.56 -6.84
C LEU A 227 19.04 8.58 -7.71
N GLN A 228 19.32 8.59 -9.02
CA GLN A 228 18.88 9.73 -9.86
C GLN A 228 17.38 9.84 -10.00
N TRP A 229 16.71 8.72 -10.25
CA TRP A 229 15.28 8.80 -10.48
C TRP A 229 14.55 9.32 -9.22
N ALA A 230 14.98 8.89 -8.03
CA ALA A 230 14.37 9.40 -6.80
C ALA A 230 14.42 10.92 -6.70
N LEU A 231 15.58 11.49 -7.05
CA LEU A 231 15.78 12.94 -6.97
C LEU A 231 14.82 13.63 -7.96
N GLU A 232 14.67 13.05 -9.15
CA GLU A 232 13.71 13.59 -10.13
C GLU A 232 12.28 13.53 -9.60
N CYS A 233 11.96 12.40 -8.98
CA CYS A 233 10.63 12.22 -8.41
C CYS A 233 10.36 13.24 -7.31
N LEU A 234 11.39 13.56 -6.53
CA LEU A 234 11.16 14.50 -5.41
C LEU A 234 10.87 15.90 -6.00
N LYS A 235 11.62 16.29 -7.02
CA LYS A 235 11.34 17.55 -7.70
C LYS A 235 9.92 17.56 -8.26
N LYS A 236 9.52 16.47 -8.89
CA LYS A 236 8.16 16.40 -9.40
C LYS A 236 7.10 16.53 -8.33
N SER A 237 7.36 15.90 -7.19
CA SER A 237 6.42 15.91 -6.05
C SER A 237 6.21 17.34 -5.54
N MET A 238 7.32 18.05 -5.37
CA MET A 238 7.27 19.44 -4.89
C MET A 238 6.47 20.31 -5.84
N ALA A 239 6.74 20.15 -7.13
CA ALA A 239 6.01 20.94 -8.12
C ALA A 239 4.52 20.63 -8.12
N PHE A 240 4.15 19.34 -7.98
CA PHE A 240 2.74 19.01 -8.00
C PHE A 240 1.99 19.60 -6.82
N ASP A 241 2.56 19.53 -5.62
CA ASP A 241 1.86 20.12 -4.48
C ASP A 241 1.73 21.63 -4.68
N GLU A 242 2.75 22.25 -5.28
CA GLU A 242 2.65 23.67 -5.61
C GLU A 242 1.54 23.93 -6.62
N ASP A 243 1.48 23.10 -7.66
CA ASP A 243 0.64 23.40 -8.81
C ASP A 243 -0.82 23.06 -8.57
N TYR A 244 -1.10 21.92 -7.95
CA TYR A 244 -2.48 21.52 -7.72
C TYR A 244 -3.03 22.15 -6.44
N PHE A 245 -2.23 22.11 -5.38
CA PHE A 245 -2.73 22.51 -4.04
C PHE A 245 -2.22 23.87 -3.56
N GLY A 246 -1.30 24.49 -4.31
CA GLY A 246 -0.70 25.74 -3.90
C GLY A 246 0.17 25.65 -2.66
N LEU A 247 0.74 24.47 -2.39
CA LEU A 247 1.49 24.24 -1.16
C LEU A 247 2.99 24.15 -1.44
N GLU A 248 3.77 24.98 -0.74
CA GLU A 248 5.23 24.95 -0.83
C GLU A 248 5.89 24.31 0.38
N TYR A 249 7.07 23.74 0.17
CA TYR A 249 7.87 23.22 1.26
C TYR A 249 8.39 24.37 2.11
N ASP A 250 8.39 24.18 3.43
CA ASP A 250 8.64 25.21 4.43
C ASP A 250 10.05 25.19 5.03
N LEU A 251 10.83 24.16 4.72
CA LEU A 251 12.13 23.96 5.36
C LEU A 251 13.31 24.15 4.40
N SER A 252 14.50 24.33 4.95
CA SER A 252 15.70 24.63 4.14
C SER A 252 16.22 23.43 3.35
N ARG A 253 15.91 22.24 3.84
CA ARG A 253 16.54 21.04 3.34
C ARG A 253 15.61 19.84 3.52
N LEU A 254 15.64 18.92 2.55
CA LEU A 254 14.93 17.66 2.67
C LEU A 254 15.87 16.54 2.28
N ASN A 255 16.02 15.56 3.16
CA ASN A 255 16.89 14.41 2.94
C ASN A 255 16.08 13.15 2.73
N LEU A 256 16.44 12.36 1.73
CA LEU A 256 15.85 11.02 1.51
C LEU A 256 16.97 10.01 1.69
N VAL A 257 16.73 8.96 2.47
CA VAL A 257 17.79 7.98 2.73
C VAL A 257 17.27 6.57 2.47
N ALA A 258 17.99 5.79 1.66
CA ALA A 258 17.69 4.38 1.46
C ALA A 258 18.39 3.47 2.46
N VAL A 259 17.65 2.55 3.06
CA VAL A 259 18.28 1.50 3.88
C VAL A 259 17.80 0.13 3.39
N SER A 260 18.63 -0.88 3.58
CA SER A 260 18.34 -2.21 3.04
C SER A 260 17.29 -2.96 3.83
N ASP A 261 17.19 -2.68 5.13
CA ASP A 261 16.31 -3.44 6.03
C ASP A 261 15.20 -2.53 6.53
N PHE A 262 13.97 -2.76 6.07
CA PHE A 262 12.89 -1.87 6.43
C PHE A 262 11.61 -2.68 6.42
N ASN A 263 10.72 -2.45 7.37
CA ASN A 263 9.52 -3.27 7.51
C ASN A 263 8.49 -2.99 6.43
N VAL A 264 8.44 -1.76 5.94
CA VAL A 264 7.39 -1.37 4.98
C VAL A 264 8.00 -0.59 3.82
N GLY A 265 7.33 0.43 3.30
CA GLY A 265 7.85 1.14 2.11
C GLY A 265 8.76 2.31 2.47
N ALA A 266 8.23 3.30 3.18
CA ALA A 266 9.06 4.44 3.58
C ALA A 266 8.34 5.22 4.67
N MET A 267 9.05 6.20 5.20
CA MET A 267 8.58 6.90 6.39
C MET A 267 8.84 8.41 6.29
N GLU A 268 7.85 9.22 6.65
CA GLU A 268 7.89 10.66 6.41
C GLU A 268 8.55 11.49 7.54
N ASN A 269 9.59 10.97 8.18
CA ASN A 269 10.17 11.77 9.26
C ASN A 269 10.55 13.16 8.76
N LYS A 270 10.23 14.18 9.55
CA LYS A 270 10.29 15.57 9.04
C LYS A 270 11.68 15.94 8.56
N GLY A 271 11.81 16.27 7.27
CA GLY A 271 13.10 16.63 6.70
C GLY A 271 14.08 15.48 6.49
N LEU A 272 13.67 14.27 6.88
CA LEU A 272 14.58 13.12 6.89
C LEU A 272 13.76 11.86 6.59
N ASN A 273 13.32 11.74 5.35
CA ASN A 273 12.46 10.63 4.94
C ASN A 273 13.31 9.39 4.72
N ILE A 274 12.91 8.28 5.32
CA ILE A 274 13.71 7.07 5.27
C ILE A 274 12.95 6.00 4.48
N PHE A 275 13.65 5.31 3.58
CA PHE A 275 13.02 4.43 2.60
C PHE A 275 13.61 3.04 2.65
N ASN A 276 12.75 2.03 2.52
CA ASN A 276 13.18 0.75 1.99
C ASN A 276 13.93 1.03 0.69
N ALA A 277 15.15 0.53 0.56
CA ALA A 277 15.90 0.74 -0.68
C ALA A 277 15.10 0.30 -1.92
N ASN A 278 14.21 -0.70 -1.81
CA ASN A 278 13.49 -1.08 -3.03
C ASN A 278 12.48 -0.03 -3.47
N SER A 279 12.29 1.01 -2.68
CA SER A 279 11.30 2.03 -3.01
C SER A 279 11.97 3.39 -3.17
N LEU A 280 13.29 3.39 -3.26
CA LEU A 280 14.04 4.62 -3.57
C LEU A 280 15.05 4.44 -4.72
N LEU A 281 15.68 3.26 -4.80
CA LEU A 281 16.83 3.03 -5.71
C LEU A 281 16.44 2.27 -6.98
N ALA A 282 16.88 2.76 -8.13
CA ALA A 282 16.69 2.05 -9.39
C ALA A 282 17.76 2.45 -10.39
N SER A 283 18.03 1.57 -11.33
CA SER A 283 18.70 1.97 -12.55
C SER A 283 18.17 1.07 -13.66
N LYS A 284 18.29 1.50 -14.91
CA LYS A 284 17.63 0.73 -15.95
C LYS A 284 18.28 -0.63 -16.17
N LYS A 285 19.56 -0.75 -15.81
CA LYS A 285 20.26 -2.01 -16.00
C LYS A 285 19.95 -2.98 -14.86
N ASN A 286 19.59 -2.46 -13.69
CA ASN A 286 19.49 -3.28 -12.49
C ASN A 286 18.14 -3.28 -11.82
N SER A 287 17.11 -2.78 -12.51
CA SER A 287 15.77 -2.71 -11.92
C SER A 287 14.73 -3.10 -12.94
N ILE A 288 13.67 -3.78 -12.49
CA ILE A 288 12.53 -3.97 -13.36
C ILE A 288 11.70 -2.70 -13.47
N ASP A 289 10.85 -2.68 -14.50
CA ASP A 289 10.09 -1.47 -14.80
C ASP A 289 9.24 -1.01 -13.62
N PHE A 290 8.67 -1.95 -12.89
CA PHE A 290 7.78 -1.59 -11.77
CA PHE A 290 7.80 -1.63 -11.76
C PHE A 290 8.47 -0.68 -10.76
N SER A 291 9.80 -0.76 -10.62
CA SER A 291 10.50 0.13 -9.71
C SER A 291 10.26 1.62 -9.96
N TYR A 292 10.05 1.98 -11.23
CA TYR A 292 9.98 3.40 -11.59
C TYR A 292 8.67 3.98 -11.07
N ALA A 293 7.53 3.32 -11.28
CA ALA A 293 6.29 3.81 -10.69
C ALA A 293 6.34 3.71 -9.16
N ARG A 294 7.00 2.68 -8.65
CA ARG A 294 7.05 2.50 -7.20
C ARG A 294 7.78 3.67 -6.53
N ILE A 295 8.93 4.02 -7.06
CA ILE A 295 9.73 5.11 -6.47
C ILE A 295 8.97 6.42 -6.62
N LEU A 296 8.35 6.63 -7.77
CA LEU A 296 7.56 7.86 -7.94
C LEU A 296 6.46 7.96 -6.87
N THR A 297 5.76 6.85 -6.68
CA THR A 297 4.65 6.75 -5.75
CA THR A 297 4.64 6.90 -5.76
C THR A 297 5.09 6.99 -4.30
N VAL A 298 6.19 6.31 -3.93
CA VAL A 298 6.61 6.34 -2.54
C VAL A 298 7.33 7.69 -2.19
N VAL A 299 8.19 8.19 -3.08
CA VAL A 299 8.76 9.53 -2.84
C VAL A 299 7.63 10.57 -2.75
N GLY A 300 6.66 10.49 -3.68
CA GLY A 300 5.53 11.41 -3.65
C GLY A 300 4.76 11.32 -2.34
N HIS A 301 4.38 10.09 -1.98
CA HIS A 301 3.67 9.85 -0.74
C HIS A 301 4.36 10.48 0.48
N GLU A 302 5.64 10.19 0.66
CA GLU A 302 6.29 10.76 1.85
C GLU A 302 6.37 12.28 1.77
N TYR A 303 6.54 12.83 0.55
CA TYR A 303 6.62 14.29 0.41
C TYR A 303 5.27 14.92 0.77
N PHE A 304 4.16 14.31 0.31
CA PHE A 304 2.84 14.92 0.54
C PHE A 304 2.49 14.85 2.02
N HIS A 305 3.12 13.94 2.76
CA HIS A 305 2.89 13.94 4.21
C HIS A 305 3.38 15.22 4.87
N GLN A 306 4.27 15.99 4.23
CA GLN A 306 4.80 17.13 4.94
C GLN A 306 3.64 18.06 5.34
N TYR A 307 2.64 18.20 4.46
CA TYR A 307 1.40 18.84 4.91
C TYR A 307 0.43 17.89 5.60
N THR A 308 0.09 16.78 4.96
CA THR A 308 -0.99 15.93 5.50
C THR A 308 -0.38 14.82 6.36
N GLY A 309 -0.06 15.21 7.60
CA GLY A 309 0.55 14.32 8.57
C GLY A 309 1.61 15.04 9.41
N ASN A 310 2.43 15.86 8.76
CA ASN A 310 3.52 16.52 9.52
C ASN A 310 3.13 17.92 10.01
N ARG A 311 2.65 18.77 9.12
CA ARG A 311 2.20 20.11 9.52
C ARG A 311 0.82 20.07 10.15
N VAL A 312 -0.09 19.30 9.56
CA VAL A 312 -1.35 18.96 10.20
C VAL A 312 -1.18 17.53 10.69
N THR A 313 -1.12 17.33 12.01
CA THR A 313 -0.85 15.95 12.48
CA THR A 313 -0.83 16.08 12.65
C THR A 313 -2.07 15.36 13.19
N LEU A 314 -1.88 14.20 13.81
CA LEU A 314 -2.98 13.44 14.40
C LEU A 314 -3.13 13.69 15.88
N ARG A 315 -4.38 13.75 16.32
CA ARG A 315 -4.62 13.84 17.75
C ARG A 315 -4.25 12.56 18.49
N ASP A 316 -4.49 11.45 17.82
CA ASP A 316 -4.36 10.10 18.39
C ASP A 316 -4.32 9.13 17.22
N TRP A 317 -3.98 7.88 17.51
CA TRP A 317 -3.76 6.92 16.41
C TRP A 317 -5.05 6.45 15.73
N PHE A 318 -6.21 6.65 16.38
CA PHE A 318 -7.47 6.27 15.71
C PHE A 318 -7.69 7.15 14.48
N GLN A 319 -7.04 8.31 14.42
CA GLN A 319 -7.16 9.17 13.25
C GLN A 319 -6.20 8.82 12.12
N LEU A 320 -5.54 7.65 12.18
CA LEU A 320 -4.52 7.32 11.19
C LEU A 320 -4.93 7.56 9.72
N THR A 321 -6.15 7.15 9.36
CA THR A 321 -6.58 7.30 7.97
C THR A 321 -6.66 8.78 7.56
N LEU A 322 -6.82 9.70 8.51
CA LEU A 322 -6.77 11.12 8.16
C LEU A 322 -5.46 11.52 7.53
N LYS A 323 -4.35 10.99 8.03
CA LYS A 323 -3.09 11.29 7.32
C LYS A 323 -2.79 10.25 6.23
N GLU A 324 -3.12 8.97 6.42
CA GLU A 324 -2.72 7.99 5.42
C GLU A 324 -3.68 7.91 4.22
N GLY A 325 -4.97 7.80 4.48
CA GLY A 325 -5.91 7.82 3.35
C GLY A 325 -5.77 9.11 2.54
N LEU A 326 -5.60 10.25 3.23
CA LEU A 326 -5.52 11.52 2.52
C LEU A 326 -4.18 11.63 1.73
N THR A 327 -3.10 11.12 2.31
CA THR A 327 -1.82 11.19 1.61
C THR A 327 -1.80 10.17 0.44
N VAL A 328 -2.40 8.99 0.58
CA VAL A 328 -2.52 8.08 -0.58
C VAL A 328 -3.33 8.75 -1.69
N HIS A 329 -4.42 9.43 -1.33
CA HIS A 329 -5.22 10.14 -2.34
C HIS A 329 -4.36 11.21 -3.04
N ARG A 330 -3.56 11.96 -2.28
CA ARG A 330 -2.68 12.95 -2.89
C ARG A 330 -1.63 12.30 -3.79
N GLU A 331 -1.10 11.17 -3.37
CA GLU A 331 -0.14 10.38 -4.11
C GLU A 331 -0.76 9.87 -5.41
N ASN A 332 -1.99 9.41 -5.33
CA ASN A 332 -2.66 8.94 -6.55
C ASN A 332 -2.94 10.08 -7.55
N LEU A 333 -3.41 11.24 -7.07
CA LEU A 333 -3.57 12.40 -7.98
C LEU A 333 -2.28 12.71 -8.69
N PHE A 334 -1.20 12.68 -7.92
CA PHE A 334 0.14 12.95 -8.43
C PHE A 334 0.57 11.93 -9.48
N SER A 335 0.46 10.66 -9.14
CA SER A 335 0.91 9.64 -10.06
CA SER A 335 0.85 9.57 -10.01
C SER A 335 0.05 9.59 -11.30
N GLU A 336 -1.24 9.83 -11.17
CA GLU A 336 -2.07 9.90 -12.38
C GLU A 336 -1.61 11.03 -13.31
N GLU A 337 -1.28 12.18 -12.74
CA GLU A 337 -0.82 13.29 -13.54
C GLU A 337 0.59 13.06 -14.15
N MET A 338 1.47 12.38 -13.40
CA MET A 338 2.83 12.17 -13.91
C MET A 338 2.93 11.10 -14.98
N THR A 339 2.11 10.06 -14.83
CA THR A 339 2.22 8.94 -15.75
C THR A 339 1.40 9.15 -17.01
N LYS A 340 0.29 9.90 -16.90
CA LYS A 340 -0.62 10.14 -18.03
C LYS A 340 -1.06 8.83 -18.70
N THR A 341 -1.13 7.82 -17.91
CA THR A 341 -1.67 6.59 -18.47
CA THR A 341 -1.68 6.48 -18.38
C THR A 341 -2.95 5.97 -17.59
N VAL A 342 -3.98 5.59 -18.33
CA VAL A 342 -5.18 5.18 -17.61
C VAL A 342 -4.91 3.98 -16.70
N THR A 343 -3.85 3.23 -16.95
CA THR A 343 -3.62 2.04 -16.15
C THR A 343 -3.20 2.41 -14.72
N THR A 344 -2.79 3.66 -14.44
CA THR A 344 -2.47 4.06 -13.08
C THR A 344 -3.70 3.95 -12.15
N ARG A 345 -4.79 4.61 -12.55
CA ARG A 345 -6.03 4.49 -11.78
C ARG A 345 -6.52 3.06 -11.77
N LEU A 346 -6.46 2.38 -12.93
CA LEU A 346 -6.93 0.98 -12.93
C LEU A 346 -6.13 0.10 -11.97
N SER A 347 -4.83 0.33 -11.87
CA SER A 347 -4.02 -0.50 -10.97
C SER A 347 -4.41 -0.31 -9.50
N HIS A 348 -4.81 0.91 -9.11
CA HIS A 348 -5.29 1.20 -7.77
CA HIS A 348 -5.22 1.11 -7.74
C HIS A 348 -6.59 0.47 -7.48
N VAL A 349 -7.49 0.52 -8.46
CA VAL A 349 -8.78 -0.14 -8.30
C VAL A 349 -8.59 -1.67 -8.20
N ASP A 350 -7.70 -2.20 -9.04
CA ASP A 350 -7.42 -3.63 -9.10
C ASP A 350 -6.91 -4.13 -7.75
N LEU A 351 -6.05 -3.33 -7.13
CA LEU A 351 -5.53 -3.64 -5.81
CA LEU A 351 -5.54 -3.67 -5.82
C LEU A 351 -6.64 -3.58 -4.76
N LEU A 352 -7.42 -2.50 -4.79
CA LEU A 352 -8.49 -2.36 -3.79
C LEU A 352 -9.47 -3.54 -3.84
N ARG A 353 -9.96 -3.85 -5.05
CA ARG A 353 -11.03 -4.84 -5.15
C ARG A 353 -10.54 -6.25 -4.96
N SER A 354 -9.23 -6.48 -5.00
CA SER A 354 -8.75 -7.81 -4.65
C SER A 354 -8.34 -7.82 -3.17
N VAL A 355 -7.24 -7.16 -2.85
CA VAL A 355 -6.68 -7.20 -1.51
C VAL A 355 -7.58 -6.57 -0.43
N GLN A 356 -8.06 -5.34 -0.68
CA GLN A 356 -8.82 -4.69 0.38
C GLN A 356 -10.24 -5.27 0.52
N PHE A 357 -10.87 -5.66 -0.59
CA PHE A 357 -12.19 -6.29 -0.47
C PHE A 357 -12.10 -7.62 0.24
N LEU A 358 -11.01 -8.39 -0.01
CA LEU A 358 -10.81 -9.63 0.75
C LEU A 358 -10.73 -9.33 2.27
N GLU A 359 -9.93 -8.34 2.64
CA GLU A 359 -9.81 -7.99 4.05
C GLU A 359 -11.18 -7.61 4.63
N ASP A 360 -11.95 -6.82 3.87
CA ASP A 360 -13.21 -6.32 4.37
C ASP A 360 -14.31 -7.40 4.47
N SER A 361 -14.15 -8.56 3.81
CA SER A 361 -15.12 -9.62 4.04
C SER A 361 -14.56 -10.74 4.91
N SER A 362 -13.36 -10.52 5.47
CA SER A 362 -12.67 -11.48 6.34
C SER A 362 -13.01 -11.19 7.80
N PRO A 363 -12.61 -12.07 8.73
CA PRO A 363 -12.81 -11.80 10.16
C PRO A 363 -12.02 -10.58 10.65
N LEU A 364 -11.09 -10.12 9.82
CA LEU A 364 -10.31 -8.93 10.16
C LEU A 364 -10.99 -7.63 9.80
N SER A 365 -12.16 -7.70 9.16
CA SER A 365 -12.84 -6.48 8.70
C SER A 365 -12.95 -5.40 9.77
N HIS A 366 -12.60 -4.19 9.40
CA HIS A 366 -12.70 -3.03 10.26
C HIS A 366 -13.03 -1.80 9.43
N PRO A 367 -13.57 -0.74 10.08
CA PRO A 367 -13.78 0.51 9.34
C PRO A 367 -12.45 1.26 9.20
N ILE A 368 -12.43 2.32 8.40
CA ILE A 368 -11.16 3.02 8.21
C ILE A 368 -10.73 3.79 9.46
N ARG A 369 -11.67 4.01 10.37
CA ARG A 369 -11.34 4.52 11.72
C ARG A 369 -11.87 3.52 12.74
N PRO A 370 -11.04 2.53 13.11
CA PRO A 370 -11.48 1.52 14.07
C PRO A 370 -11.83 2.09 15.44
N GLU A 371 -12.58 1.30 16.22
CA GLU A 371 -13.03 1.73 17.55
C GLU A 371 -12.04 1.32 18.62
N SER A 372 -11.12 0.42 18.29
CA SER A 372 -10.16 -0.08 19.26
C SER A 372 -8.91 -0.66 18.60
N TYR A 373 -7.83 -0.77 19.38
CA TYR A 373 -6.68 -1.55 18.94
C TYR A 373 -5.96 -2.13 20.14
N VAL A 374 -5.16 -3.16 19.89
CA VAL A 374 -4.21 -3.68 20.87
C VAL A 374 -2.80 -3.43 20.33
N SER A 375 -2.53 -3.93 19.13
CA SER A 375 -1.22 -3.73 18.51
C SER A 375 -1.28 -2.53 17.58
N MET A 376 -0.46 -1.49 17.79
CA MET A 376 -0.41 -0.43 16.77
C MET A 376 0.27 -0.89 15.48
N GLU A 377 1.23 -1.81 15.59
CA GLU A 377 1.91 -2.31 14.41
C GLU A 377 0.89 -2.99 13.47
N ASN A 378 -0.10 -3.66 14.03
CA ASN A 378 -1.13 -4.31 13.23
C ASN A 378 -2.20 -3.36 12.69
N PHE A 379 -2.19 -2.12 13.15
CA PHE A 379 -3.20 -1.13 12.74
C PHE A 379 -3.04 -0.62 11.31
N TYR A 380 -1.84 -0.74 10.74
CA TYR A 380 -1.54 -0.23 9.40
C TYR A 380 -2.01 -1.26 8.40
N THR A 381 -3.14 -0.97 7.73
CA THR A 381 -3.80 -1.96 6.86
C THR A 381 -4.23 -1.37 5.53
N THR A 382 -4.49 -2.26 4.56
CA THR A 382 -5.01 -1.79 3.29
C THR A 382 -6.39 -1.09 3.44
N THR A 383 -7.15 -1.51 4.46
CA THR A 383 -8.39 -0.79 4.71
C THR A 383 -8.10 0.67 5.07
N VAL A 384 -7.26 0.91 6.09
CA VAL A 384 -6.94 2.27 6.48
C VAL A 384 -6.32 3.11 5.34
N TYR A 385 -5.47 2.47 4.53
CA TYR A 385 -4.74 3.16 3.47
C TYR A 385 -5.57 3.32 2.21
N ASP A 386 -6.00 2.18 1.65
CA ASP A 386 -6.58 2.18 0.31
C ASP A 386 -8.07 2.43 0.33
N LYS A 387 -8.83 1.81 1.24
CA LYS A 387 -10.21 2.27 1.35
C LYS A 387 -10.20 3.71 1.88
N GLY A 388 -9.32 4.03 2.84
CA GLY A 388 -9.23 5.43 3.26
C GLY A 388 -8.99 6.38 2.08
N SER A 389 -8.13 6.01 1.14
CA SER A 389 -7.87 6.85 -0.02
CA SER A 389 -7.88 6.87 0.02
C SER A 389 -9.12 7.03 -0.87
N GLU A 390 -9.89 5.95 -1.04
CA GLU A 390 -11.10 6.04 -1.87
C GLU A 390 -12.12 6.94 -1.18
N VAL A 391 -12.19 6.86 0.16
CA VAL A 391 -13.09 7.76 0.89
C VAL A 391 -12.63 9.22 0.77
N MET A 392 -11.31 9.46 0.79
CA MET A 392 -10.84 10.82 0.58
C MET A 392 -11.08 11.30 -0.86
N ARG A 393 -10.98 10.38 -1.83
CA ARG A 393 -11.20 10.69 -3.24
C ARG A 393 -12.69 10.99 -3.52
N MET A 394 -13.61 10.34 -2.80
CA MET A 394 -15.02 10.62 -3.05
C MET A 394 -15.38 12.08 -2.77
N TYR A 395 -14.68 12.74 -1.84
CA TYR A 395 -14.93 14.16 -1.65
C TYR A 395 -14.64 14.95 -2.92
N LEU A 396 -13.57 14.60 -3.63
CA LEU A 396 -13.26 15.28 -4.89
C LEU A 396 -14.32 15.00 -5.96
N THR A 397 -14.76 13.76 -6.03
CA THR A 397 -15.82 13.40 -6.96
C THR A 397 -17.10 14.19 -6.67
N ILE A 398 -17.47 14.28 -5.40
CA ILE A 398 -18.69 14.96 -4.98
C ILE A 398 -18.61 16.47 -5.22
N LEU A 399 -17.47 17.09 -4.87
CA LEU A 399 -17.34 18.54 -4.95
C LEU A 399 -16.91 19.08 -6.31
N GLY A 400 -16.22 18.25 -7.08
CA GLY A 400 -15.52 18.72 -8.27
C GLY A 400 -14.22 19.41 -7.88
N GLU A 401 -13.33 19.53 -8.85
CA GLU A 401 -11.96 19.99 -8.58
C GLU A 401 -11.93 21.37 -7.93
N GLU A 402 -12.72 22.31 -8.45
CA GLU A 402 -12.61 23.68 -7.95
C GLU A 402 -13.04 23.76 -6.48
N TYR A 403 -14.17 23.15 -6.13
CA TYR A 403 -14.64 23.25 -4.76
C TYR A 403 -13.88 22.30 -3.85
N TYR A 404 -13.37 21.19 -4.41
CA TYR A 404 -12.51 20.32 -3.62
C TYR A 404 -11.28 21.11 -3.17
N LYS A 405 -10.67 21.85 -4.11
CA LYS A 405 -9.45 22.58 -3.76
C LYS A 405 -9.76 23.61 -2.71
N LYS A 406 -10.94 24.23 -2.82
CA LYS A 406 -11.36 25.21 -1.83
CA LYS A 406 -11.37 25.22 -1.83
C LYS A 406 -11.50 24.57 -0.46
N GLY A 407 -12.16 23.42 -0.40
CA GLY A 407 -12.32 22.73 0.87
C GLY A 407 -11.00 22.25 1.47
N PHE A 408 -10.10 21.78 0.60
CA PHE A 408 -8.81 21.28 1.06
C PHE A 408 -8.00 22.42 1.66
N ASP A 409 -8.03 23.58 1.00
CA ASP A 409 -7.30 24.71 1.54
C ASP A 409 -7.88 25.16 2.88
N ILE A 410 -9.21 25.08 3.05
CA ILE A 410 -9.81 25.40 4.34
C ILE A 410 -9.26 24.48 5.43
N TYR A 411 -9.18 23.19 5.13
CA TYR A 411 -8.60 22.23 6.06
C TYR A 411 -7.17 22.61 6.45
N ILE A 412 -6.35 22.93 5.45
CA ILE A 412 -4.94 23.20 5.70
C ILE A 412 -4.80 24.49 6.50
N LYS A 413 -5.50 25.55 6.09
CA LYS A 413 -5.29 26.83 6.74
C LYS A 413 -5.79 26.77 8.18
N LYS A 414 -6.91 26.08 8.42
CA LYS A 414 -7.44 26.02 9.77
C LYS A 414 -6.61 25.15 10.73
N ASN A 415 -5.97 24.09 10.22
CA ASN A 415 -5.35 23.11 11.11
C ASN A 415 -3.83 23.06 11.07
N ASP A 416 -3.23 23.90 10.24
CA ASP A 416 -1.78 23.93 10.08
C ASP A 416 -1.10 24.20 11.42
N GLY A 417 -0.16 23.34 11.80
CA GLY A 417 0.58 23.52 13.04
C GLY A 417 -0.11 22.85 14.23
N ASN A 418 -1.23 22.16 13.98
CA ASN A 418 -2.04 21.55 15.03
C ASN A 418 -2.33 20.08 14.78
N THR A 419 -2.69 19.35 15.84
CA THR A 419 -3.28 18.02 15.68
C THR A 419 -4.69 18.13 15.12
N ALA A 420 -5.19 17.05 14.54
CA ALA A 420 -6.54 17.06 14.02
C ALA A 420 -7.18 15.67 14.01
N THR A 421 -8.45 15.67 13.66
CA THR A 421 -9.27 14.46 13.67
C THR A 421 -10.01 14.32 12.35
N CYS A 422 -10.56 13.13 12.10
CA CYS A 422 -11.35 12.94 10.88
C CYS A 422 -12.52 13.91 10.72
N GLU A 423 -13.19 14.24 11.83
CA GLU A 423 -14.22 15.28 11.85
C GLU A 423 -13.75 16.64 11.30
N ASP A 424 -12.51 17.04 11.60
CA ASP A 424 -11.99 18.32 11.13
C ASP A 424 -11.99 18.33 9.60
N PHE A 425 -11.63 17.22 9.00
CA PHE A 425 -11.59 17.17 7.53
C PHE A 425 -12.98 17.19 6.95
N ASN A 426 -13.89 16.40 7.53
CA ASN A 426 -15.26 16.38 7.05
C ASN A 426 -15.91 17.77 7.13
N TYR A 427 -15.60 18.48 8.21
CA TYR A 427 -16.05 19.87 8.43
C TYR A 427 -15.60 20.77 7.29
N ALA A 428 -14.31 20.71 6.94
CA ALA A 428 -13.78 21.51 5.83
C ALA A 428 -14.45 21.17 4.50
N MET A 429 -14.64 19.88 4.24
CA MET A 429 -15.32 19.47 3.03
C MET A 429 -16.77 19.92 3.03
N GLU A 430 -17.40 19.87 4.20
CA GLU A 430 -18.78 20.33 4.29
C GLU A 430 -18.92 21.83 3.99
N GLN A 431 -17.95 22.64 4.40
CA GLN A 431 -18.05 24.07 4.09
C GLN A 431 -18.03 24.27 2.58
N ALA A 432 -17.18 23.53 1.89
CA ALA A 432 -17.17 23.56 0.43
C ALA A 432 -18.48 23.06 -0.17
N TYR A 433 -19.05 22.02 0.45
CA TYR A 433 -20.29 21.43 -0.04
C TYR A 433 -21.43 22.45 0.02
N LYS A 434 -21.50 23.19 1.12
CA LYS A 434 -22.50 24.26 1.25
C LYS A 434 -22.34 25.28 0.14
N MET A 435 -21.09 25.66 -0.11
CA MET A 435 -20.79 26.61 -1.18
C MET A 435 -21.26 26.08 -2.53
N LYS A 436 -20.87 24.85 -2.85
CA LYS A 436 -21.25 24.25 -4.13
CA LYS A 436 -21.25 24.25 -4.13
C LYS A 436 -22.75 24.16 -4.31
N LYS A 437 -23.45 23.75 -3.24
CA LYS A 437 -24.90 23.58 -3.32
C LYS A 437 -25.64 24.91 -3.20
N ALA A 438 -24.91 25.96 -2.84
CA ALA A 438 -25.53 27.25 -2.54
C ALA A 438 -26.63 27.08 -1.51
N ASP A 439 -26.28 26.46 -0.39
CA ASP A 439 -27.25 26.07 0.62
C ASP A 439 -26.57 25.76 1.95
N ASN A 440 -26.61 26.71 2.89
CA ASN A 440 -25.92 26.52 4.17
C ASN A 440 -26.64 25.44 4.99
N SER A 441 -27.82 25.03 4.56
CA SER A 441 -28.49 23.90 5.22
C SER A 441 -27.94 22.54 4.74
N ALA A 442 -27.15 22.55 3.67
CA ALA A 442 -26.55 21.29 3.19
C ALA A 442 -25.51 20.82 4.22
N ASN A 443 -25.40 19.50 4.39
CA ASN A 443 -24.40 19.00 5.32
C ASN A 443 -23.89 17.64 4.89
N LEU A 444 -22.76 17.26 5.46
CA LEU A 444 -22.16 15.95 5.18
C LEU A 444 -22.18 15.04 6.41
N ASN A 445 -23.21 15.16 7.25
CA ASN A 445 -23.27 14.33 8.45
C ASN A 445 -23.27 12.84 8.08
N GLN A 446 -24.07 12.50 7.07
CA GLN A 446 -24.15 11.10 6.63
C GLN A 446 -22.79 10.58 6.17
N TYR A 447 -21.98 11.47 5.60
CA TYR A 447 -20.69 11.07 5.06
C TYR A 447 -19.79 10.43 6.12
N LEU A 448 -19.97 10.81 7.39
CA LEU A 448 -19.12 10.29 8.44
C LEU A 448 -19.27 8.78 8.63
N LEU A 449 -20.36 8.20 8.13
CA LEU A 449 -20.49 6.75 8.18
C LEU A 449 -19.39 6.03 7.39
N TRP A 450 -18.79 6.68 6.40
CA TRP A 450 -17.67 6.05 5.70
C TRP A 450 -16.49 5.81 6.64
N PHE A 451 -16.42 6.59 7.73
CA PHE A 451 -15.30 6.39 8.65
C PHE A 451 -15.58 5.30 9.68
N SER A 452 -16.86 5.13 10.00
CA SER A 452 -17.22 4.21 11.09
C SER A 452 -17.77 2.86 10.68
N GLN A 453 -18.32 2.76 9.48
CA GLN A 453 -18.99 1.52 9.04
C GLN A 453 -18.02 0.62 8.29
N SER A 454 -17.89 -0.63 8.72
CA SER A 454 -17.03 -1.58 8.02
C SER A 454 -17.79 -2.32 6.94
N GLY A 455 -17.06 -3.04 6.10
CA GLY A 455 -17.67 -3.83 5.04
C GLY A 455 -17.78 -3.07 3.74
N THR A 456 -17.92 -3.82 2.65
CA THR A 456 -18.02 -3.23 1.33
C THR A 456 -19.49 -3.12 0.93
N PRO A 457 -19.99 -1.91 0.63
CA PRO A 457 -21.36 -1.87 0.11
C PRO A 457 -21.49 -2.54 -1.24
N HIS A 458 -22.70 -3.06 -1.45
CA HIS A 458 -23.11 -3.61 -2.74
C HIS A 458 -24.11 -2.67 -3.37
N VAL A 459 -23.85 -2.26 -4.62
CA VAL A 459 -24.80 -1.38 -5.31
C VAL A 459 -25.32 -2.06 -6.57
N SER A 460 -26.64 -2.16 -6.69
CA SER A 460 -27.27 -2.87 -7.81
C SER A 460 -28.24 -1.96 -8.53
N PHE A 461 -28.58 -2.34 -9.76
CA PHE A 461 -29.33 -1.46 -10.67
C PHE A 461 -30.46 -2.18 -11.38
N LYS A 462 -31.52 -1.43 -11.67
CA LYS A 462 -32.53 -1.85 -12.64
C LYS A 462 -32.86 -0.66 -13.53
N TYR A 463 -33.22 -0.92 -14.79
CA TYR A 463 -33.46 0.15 -15.74
C TYR A 463 -34.82 0.11 -16.36
N ASN A 464 -35.24 1.27 -16.82
CA ASN A 464 -36.48 1.33 -17.58
CA ASN A 464 -36.50 1.35 -17.52
C ASN A 464 -36.40 2.45 -18.59
N TYR A 465 -36.91 2.16 -19.79
CA TYR A 465 -36.92 3.13 -20.87
C TYR A 465 -38.27 3.14 -21.54
N ASP A 466 -38.83 4.33 -21.64
CA ASP A 466 -40.07 4.55 -22.39
C ASP A 466 -39.75 5.29 -23.68
N ALA A 467 -39.90 4.60 -24.81
CA ALA A 467 -39.52 5.14 -26.12
C ALA A 467 -40.38 6.32 -26.51
N GLU A 468 -41.66 6.26 -26.14
CA GLU A 468 -42.61 7.30 -26.53
C GLU A 468 -42.30 8.56 -25.75
N LYS A 469 -42.06 8.40 -24.45
CA LYS A 469 -41.77 9.53 -23.58
C LYS A 469 -40.31 10.02 -23.65
N LYS A 470 -39.43 9.28 -24.31
CA LYS A 470 -37.99 9.60 -24.29
C LYS A 470 -37.48 9.76 -22.86
N GLN A 471 -37.92 8.86 -21.98
CA GLN A 471 -37.63 8.94 -20.55
C GLN A 471 -36.95 7.68 -20.05
N TYR A 472 -35.82 7.87 -19.38
CA TYR A 472 -34.97 6.77 -18.92
C TYR A 472 -34.86 6.84 -17.43
N SER A 473 -34.91 5.69 -16.76
CA SER A 473 -34.71 5.66 -15.31
CA SER A 473 -34.63 5.74 -15.33
C SER A 473 -33.66 4.65 -14.88
N ILE A 474 -32.86 5.03 -13.91
CA ILE A 474 -31.92 4.15 -13.25
C ILE A 474 -32.38 3.96 -11.80
N HIS A 475 -32.82 2.73 -11.47
CA HIS A 475 -33.22 2.37 -10.12
CA HIS A 475 -33.19 2.47 -10.09
C HIS A 475 -32.01 1.79 -9.43
N VAL A 476 -31.59 2.39 -8.30
CA VAL A 476 -30.36 1.98 -7.61
C VAL A 476 -30.66 1.55 -6.18
N ASN A 477 -30.01 0.49 -5.76
CA ASN A 477 -30.11 0.00 -4.41
C ASN A 477 -28.74 -0.19 -3.77
N GLN A 478 -28.61 0.11 -2.47
CA GLN A 478 -27.36 -0.22 -1.77
C GLN A 478 -27.64 -1.12 -0.56
N TYR A 479 -26.65 -1.96 -0.27
CA TYR A 479 -26.71 -2.89 0.84
C TYR A 479 -25.31 -3.16 1.35
N THR A 480 -25.11 -3.12 2.67
CA THR A 480 -23.89 -3.64 3.26
C THR A 480 -24.30 -4.82 4.14
N LYS A 481 -23.59 -5.94 3.97
CA LYS A 481 -23.85 -7.11 4.81
CA LYS A 481 -23.82 -7.11 4.79
C LYS A 481 -23.48 -6.84 6.25
N PRO A 482 -24.35 -7.24 7.19
CA PRO A 482 -23.99 -7.11 8.61
C PRO A 482 -22.70 -7.89 8.93
N ASP A 483 -21.96 -7.46 9.94
CA ASP A 483 -20.70 -8.16 10.30
C ASP A 483 -20.48 -7.96 11.81
N GLU A 484 -19.29 -8.23 12.32
CA GLU A 484 -19.14 -8.18 13.77
C GLU A 484 -19.04 -6.73 14.30
N ASN A 485 -18.89 -5.75 13.40
CA ASN A 485 -18.80 -4.35 13.83
C ASN A 485 -20.14 -3.60 13.87
N GLN A 486 -21.05 -3.92 12.95
CA GLN A 486 -22.41 -3.40 12.97
C GLN A 486 -23.42 -4.49 12.59
N LYS A 487 -24.38 -4.70 13.48
CA LYS A 487 -25.49 -5.60 13.23
C LYS A 487 -26.41 -5.02 12.17
N GLU A 488 -26.60 -3.70 12.23
CA GLU A 488 -27.46 -3.01 11.30
C GLU A 488 -26.59 -2.02 10.55
N LYS A 489 -26.58 -2.10 9.23
CA LYS A 489 -25.75 -1.22 8.42
C LYS A 489 -26.60 -0.10 7.85
N LYS A 490 -26.17 1.13 8.02
CA LYS A 490 -26.92 2.26 7.51
C LYS A 490 -26.54 2.56 6.07
N PRO A 491 -27.48 3.18 5.33
CA PRO A 491 -27.13 3.62 3.98
C PRO A 491 -26.07 4.70 4.01
N LEU A 492 -25.16 4.63 3.03
CA LEU A 492 -24.06 5.56 2.91
C LEU A 492 -24.39 6.62 1.87
N PHE A 493 -23.62 7.71 1.92
CA PHE A 493 -23.65 8.72 0.88
C PHE A 493 -22.74 8.21 -0.26
N ILE A 494 -23.35 7.69 -1.33
CA ILE A 494 -22.58 7.05 -2.42
C ILE A 494 -22.69 7.88 -3.70
N PRO A 495 -21.58 8.47 -4.15
CA PRO A 495 -21.58 9.23 -5.41
C PRO A 495 -21.37 8.30 -6.58
N ILE A 496 -22.30 8.35 -7.53
CA ILE A 496 -22.25 7.45 -8.70
C ILE A 496 -22.01 8.30 -9.93
N SER A 497 -20.76 8.35 -10.37
CA SER A 497 -20.48 9.05 -11.63
CA SER A 497 -20.44 9.03 -11.62
C SER A 497 -21.00 8.24 -12.79
N VAL A 498 -21.84 8.89 -13.62
CA VAL A 498 -22.47 8.17 -14.72
CA VAL A 498 -22.53 8.18 -14.68
C VAL A 498 -22.44 8.86 -16.05
N GLY A 499 -22.45 8.04 -17.10
CA GLY A 499 -22.71 8.53 -18.45
C GLY A 499 -23.79 7.64 -19.04
N LEU A 500 -24.39 8.11 -20.12
CA LEU A 500 -25.36 7.33 -20.88
C LEU A 500 -24.84 7.24 -22.32
N ILE A 501 -24.56 6.03 -22.79
CA ILE A 501 -23.95 5.84 -24.10
C ILE A 501 -25.05 5.50 -25.09
N ASN A 502 -25.08 6.21 -26.22
CA ASN A 502 -25.95 5.88 -27.33
C ASN A 502 -25.38 4.65 -28.06
N PRO A 503 -26.12 3.54 -28.05
CA PRO A 503 -25.55 2.30 -28.59
C PRO A 503 -25.39 2.36 -30.10
N GLU A 504 -26.04 3.30 -30.77
CA GLU A 504 -25.94 3.35 -32.24
C GLU A 504 -24.67 4.03 -32.72
N ASN A 505 -24.18 5.02 -31.97
CA ASN A 505 -22.99 5.73 -32.40
C ASN A 505 -21.90 5.87 -31.35
N GLY A 506 -22.12 5.29 -30.16
CA GLY A 506 -21.14 5.35 -29.09
C GLY A 506 -20.96 6.69 -28.41
N LYS A 507 -21.83 7.65 -28.68
CA LYS A 507 -21.64 9.00 -28.12
C LYS A 507 -22.31 9.21 -26.77
N GLU A 508 -21.83 10.22 -26.05
CA GLU A 508 -22.39 10.64 -24.77
C GLU A 508 -23.77 11.26 -24.97
N MET A 509 -24.73 10.82 -24.16
CA MET A 509 -26.08 11.38 -24.28
C MET A 509 -26.41 12.43 -23.24
N ILE A 510 -25.63 12.50 -22.16
CA ILE A 510 -25.82 13.54 -21.14
C ILE A 510 -24.48 14.15 -20.76
N SER A 511 -24.50 15.31 -20.12
CA SER A 511 -23.30 15.91 -19.57
C SER A 511 -22.81 15.16 -18.35
N GLN A 512 -21.60 15.49 -17.89
CA GLN A 512 -21.04 14.91 -16.66
C GLN A 512 -22.06 14.99 -15.53
N THR A 513 -22.30 13.83 -14.91
CA THR A 513 -23.36 13.69 -13.92
C THR A 513 -22.93 12.78 -12.80
N THR A 514 -23.07 13.23 -11.56
CA THR A 514 -22.75 12.42 -10.40
C THR A 514 -24.03 12.27 -9.59
N LEU A 515 -24.61 11.08 -9.63
CA LEU A 515 -25.78 10.79 -8.82
C LEU A 515 -25.43 10.70 -7.35
N GLU A 516 -26.18 11.38 -6.49
CA GLU A 516 -25.87 11.30 -5.07
C GLU A 516 -26.87 10.36 -4.43
N LEU A 517 -26.48 9.10 -4.25
CA LEU A 517 -27.37 8.15 -3.61
C LEU A 517 -27.21 8.26 -2.09
N THR A 518 -28.27 8.62 -1.39
CA THR A 518 -28.16 8.80 0.05
C THR A 518 -29.14 7.93 0.82
N LYS A 519 -29.94 7.17 0.08
CA LYS A 519 -30.95 6.31 0.71
C LYS A 519 -30.63 4.86 0.39
N GLU A 520 -31.37 3.94 0.99
CA GLU A 520 -31.18 2.55 0.68
C GLU A 520 -31.49 2.29 -0.79
N SER A 521 -32.41 3.06 -1.36
CA SER A 521 -32.67 2.97 -2.79
C SER A 521 -33.23 4.27 -3.31
N ASP A 522 -33.00 4.52 -4.60
CA ASP A 522 -33.54 5.71 -5.23
C ASP A 522 -33.72 5.46 -6.73
N THR A 523 -34.59 6.23 -7.37
CA THR A 523 -34.78 6.15 -8.81
C THR A 523 -34.39 7.51 -9.43
N PHE A 524 -33.43 7.47 -10.36
CA PHE A 524 -32.96 8.66 -11.06
C PHE A 524 -33.51 8.69 -12.46
N VAL A 525 -34.27 9.74 -12.79
CA VAL A 525 -34.95 9.79 -14.07
C VAL A 525 -34.32 10.86 -14.96
N PHE A 526 -34.24 10.54 -16.24
CA PHE A 526 -33.68 11.44 -17.26
C PHE A 526 -34.67 11.61 -18.36
N ASN A 527 -34.98 12.87 -18.67
CA ASN A 527 -35.88 13.15 -19.78
C ASN A 527 -35.10 13.46 -21.05
N ASN A 528 -35.83 13.49 -22.17
CA ASN A 528 -35.24 13.83 -23.46
C ASN A 528 -34.05 12.93 -23.76
N ILE A 529 -34.27 11.64 -23.55
CA ILE A 529 -33.31 10.61 -23.91
C ILE A 529 -33.86 9.91 -25.13
N ALA A 530 -33.24 10.15 -26.28
CA ALA A 530 -33.89 9.90 -27.56
C ALA A 530 -33.93 8.44 -27.97
N VAL A 531 -33.07 7.64 -27.35
CA VAL A 531 -32.96 6.25 -27.69
C VAL A 531 -32.56 5.56 -26.39
N LYS A 532 -32.86 4.27 -26.25
CA LYS A 532 -32.50 3.53 -25.04
C LYS A 532 -30.98 3.47 -24.88
N PRO A 533 -30.45 4.02 -23.79
CA PRO A 533 -28.98 4.07 -23.69
C PRO A 533 -28.39 2.80 -23.08
N ILE A 534 -27.07 2.69 -23.13
CA ILE A 534 -26.40 1.75 -22.25
C ILE A 534 -25.73 2.60 -21.16
N PRO A 535 -26.04 2.36 -19.89
CA PRO A 535 -25.46 3.20 -18.83
C PRO A 535 -24.00 2.86 -18.54
N SER A 536 -23.20 3.90 -18.32
CA SER A 536 -21.80 3.80 -17.95
C SER A 536 -21.72 4.17 -16.48
N LEU A 537 -21.60 3.17 -15.62
CA LEU A 537 -21.81 3.35 -14.18
C LEU A 537 -20.57 3.31 -13.33
N PHE A 538 -20.52 4.24 -12.37
CA PHE A 538 -19.37 4.41 -11.48
C PHE A 538 -18.10 4.73 -12.27
N ARG A 539 -18.20 5.66 -13.23
CA ARG A 539 -17.01 6.13 -13.98
C ARG A 539 -15.87 6.50 -13.04
N GLY A 540 -14.67 6.04 -13.41
CA GLY A 540 -13.49 6.25 -12.60
C GLY A 540 -13.46 5.45 -11.31
N PHE A 541 -14.38 4.50 -11.19
CA PHE A 541 -14.68 3.76 -9.93
C PHE A 541 -14.99 4.75 -8.81
N SER A 542 -16.18 5.37 -8.90
CA SER A 542 -16.45 6.55 -8.10
C SER A 542 -16.84 6.29 -6.67
N ALA A 543 -16.99 5.03 -6.26
CA ALA A 543 -17.20 4.69 -4.85
C ALA A 543 -16.66 3.27 -4.61
N PRO A 544 -16.16 2.97 -3.41
CA PRO A 544 -15.53 1.67 -3.16
C PRO A 544 -16.56 0.63 -2.81
N VAL A 545 -17.16 0.10 -3.86
CA VAL A 545 -18.34 -0.77 -3.71
C VAL A 545 -18.26 -1.95 -4.69
N TYR A 546 -19.04 -2.98 -4.36
CA TYR A 546 -19.34 -4.06 -5.33
C TYR A 546 -20.40 -3.56 -6.30
N ILE A 547 -20.06 -3.49 -7.57
CA ILE A 547 -20.99 -2.99 -8.58
C ILE A 547 -21.68 -4.17 -9.24
N GLU A 548 -23.00 -4.16 -9.23
CA GLU A 548 -23.76 -5.19 -9.95
C GLU A 548 -24.52 -4.44 -11.05
N ASP A 549 -23.94 -4.41 -12.26
CA ASP A 549 -24.45 -3.52 -13.32
C ASP A 549 -25.72 -4.03 -14.02
N GLN A 550 -26.04 -5.32 -13.82
CA GLN A 550 -27.23 -5.93 -14.40
C GLN A 550 -27.34 -5.67 -15.90
N LEU A 551 -26.19 -5.63 -16.56
CA LEU A 551 -26.12 -5.50 -18.01
C LEU A 551 -25.92 -6.86 -18.65
N THR A 552 -26.39 -7.00 -19.88
CA THR A 552 -26.08 -8.20 -20.66
C THR A 552 -24.64 -8.16 -21.13
N ASP A 553 -24.14 -9.32 -21.55
CA ASP A 553 -22.79 -9.33 -22.04
C ASP A 553 -22.71 -8.54 -23.35
N GLU A 554 -23.78 -8.51 -24.16
CA GLU A 554 -23.83 -7.66 -25.35
C GLU A 554 -23.65 -6.19 -24.99
N GLU A 555 -24.33 -5.73 -23.93
CA GLU A 555 -24.21 -4.34 -23.49
C GLU A 555 -22.80 -4.08 -22.99
N ARG A 556 -22.24 -5.04 -22.21
CA ARG A 556 -20.90 -4.88 -21.64
C ARG A 556 -19.86 -4.81 -22.76
N ILE A 557 -20.05 -5.62 -23.80
CA ILE A 557 -19.16 -5.56 -24.95
C ILE A 557 -19.20 -4.18 -25.65
N LEU A 558 -20.39 -3.61 -25.75
CA LEU A 558 -20.53 -2.32 -26.41
C LEU A 558 -19.76 -1.29 -25.58
N LEU A 559 -19.89 -1.37 -24.26
CA LEU A 559 -19.14 -0.44 -23.39
C LEU A 559 -17.64 -0.66 -23.51
N LEU A 560 -17.25 -1.92 -23.49
CA LEU A 560 -15.83 -2.26 -23.60
C LEU A 560 -15.22 -1.66 -24.89
N LYS A 561 -15.97 -1.70 -25.98
CA LYS A 561 -15.45 -1.15 -27.25
C LYS A 561 -15.54 0.37 -27.34
N TYR A 562 -16.64 0.92 -26.83
CA TYR A 562 -17.00 2.28 -27.22
C TYR A 562 -17.21 3.31 -26.11
N ASP A 563 -17.24 2.88 -24.85
CA ASP A 563 -17.39 3.86 -23.76
C ASP A 563 -16.15 4.76 -23.67
N SER A 564 -16.34 5.94 -23.10
CA SER A 564 -15.28 6.91 -22.90
C SER A 564 -14.48 6.72 -21.61
N ASP A 565 -14.99 5.93 -20.66
CA ASP A 565 -14.37 5.84 -19.34
C ASP A 565 -13.54 4.58 -19.22
N ALA A 566 -12.24 4.72 -18.96
CA ALA A 566 -11.37 3.55 -18.86
C ALA A 566 -11.83 2.54 -17.80
N PHE A 567 -12.19 3.01 -16.61
CA PHE A 567 -12.63 2.06 -15.62
C PHE A 567 -13.89 1.30 -16.07
N VAL A 568 -14.91 1.99 -16.57
CA VAL A 568 -16.12 1.25 -16.95
C VAL A 568 -15.82 0.25 -18.09
N ARG A 569 -14.93 0.60 -19.00
CA ARG A 569 -14.53 -0.39 -20.03
C ARG A 569 -13.87 -1.61 -19.38
N TYR A 570 -12.90 -1.35 -18.51
CA TYR A 570 -12.20 -2.41 -17.77
C TYR A 570 -13.17 -3.22 -16.92
N ASN A 571 -14.13 -2.55 -16.30
CA ASN A 571 -15.05 -3.23 -15.42
C ASN A 571 -16.04 -4.08 -16.21
N SER A 572 -16.44 -3.59 -17.38
CA SER A 572 -17.35 -4.35 -18.19
C SER A 572 -16.68 -5.64 -18.64
N CYS A 573 -15.41 -5.55 -19.03
CA CYS A 573 -14.59 -6.73 -19.33
C CYS A 573 -14.51 -7.68 -18.11
N THR A 574 -14.19 -7.11 -16.95
CA THR A 574 -14.12 -7.86 -15.69
C THR A 574 -15.43 -8.63 -15.46
N ASN A 575 -16.55 -7.94 -15.67
CA ASN A 575 -17.85 -8.55 -15.41
C ASN A 575 -18.19 -9.68 -16.40
N ILE A 576 -17.78 -9.54 -17.68
CA ILE A 576 -17.95 -10.64 -18.64
C ILE A 576 -17.12 -11.85 -18.19
N TYR A 577 -15.88 -11.60 -17.80
CA TYR A 577 -15.04 -12.68 -17.30
C TYR A 577 -15.65 -13.34 -16.08
N MET A 578 -16.11 -12.53 -15.10
CA MET A 578 -16.66 -13.12 -13.89
C MET A 578 -17.89 -14.01 -14.17
N LYS A 579 -18.76 -13.58 -15.06
CA LYS A 579 -19.93 -14.40 -15.37
C LYS A 579 -19.49 -15.76 -15.95
N GLN A 580 -18.47 -15.71 -16.80
CA GLN A 580 -17.93 -16.93 -17.39
C GLN A 580 -17.25 -17.81 -16.36
N ILE A 581 -16.44 -17.18 -15.49
CA ILE A 581 -15.74 -17.95 -14.45
C ILE A 581 -16.72 -18.64 -13.51
N LEU A 582 -17.75 -17.92 -13.08
CA LEU A 582 -18.71 -18.53 -12.14
C LEU A 582 -19.46 -19.68 -12.81
N MET A 583 -19.80 -19.54 -14.07
CA MET A 583 -20.53 -20.59 -14.78
CA MET A 583 -20.52 -20.58 -14.80
C MET A 583 -19.65 -21.82 -14.94
N ASN A 584 -18.42 -21.61 -15.46
CA ASN A 584 -17.57 -22.78 -15.68
C ASN A 584 -17.13 -23.39 -14.35
N TYR A 585 -16.88 -22.56 -13.32
CA TYR A 585 -16.52 -23.08 -12.01
C TYR A 585 -17.62 -24.06 -11.54
N ASN A 586 -18.88 -23.67 -11.69
CA ASN A 586 -19.95 -24.52 -11.21
C ASN A 586 -20.03 -25.81 -12.01
N GLU A 587 -19.75 -25.72 -13.30
CA GLU A 587 -19.80 -26.89 -14.17
C GLU A 587 -18.70 -27.89 -13.79
N PHE A 588 -17.47 -27.40 -13.60
CA PHE A 588 -16.37 -28.24 -13.15
C PHE A 588 -16.67 -28.80 -11.75
N LEU A 589 -17.23 -27.95 -10.88
CA LEU A 589 -17.51 -28.38 -9.50
C LEU A 589 -18.51 -29.53 -9.48
N LYS A 590 -19.58 -29.39 -10.24
CA LYS A 590 -20.59 -30.45 -10.35
C LYS A 590 -19.99 -31.73 -10.92
N ALA A 591 -19.12 -31.60 -11.93
CA ALA A 591 -18.50 -32.80 -12.52
C ALA A 591 -17.63 -33.53 -11.50
N LYS A 592 -16.88 -32.77 -10.70
CA LYS A 592 -16.07 -33.29 -9.61
C LYS A 592 -16.92 -33.98 -8.53
N ASN A 593 -17.93 -33.26 -8.05
CA ASN A 593 -18.78 -33.77 -6.98
C ASN A 593 -19.54 -35.01 -7.38
N GLU A 594 -20.03 -35.01 -8.61
CA GLU A 594 -20.85 -36.12 -9.07
C GLU A 594 -20.03 -37.20 -9.76
N LYS A 595 -18.71 -37.03 -9.80
CA LYS A 595 -17.80 -38.00 -10.41
C LYS A 595 -18.24 -38.36 -11.83
N LEU A 596 -18.49 -37.33 -12.62
CA LEU A 596 -19.05 -37.51 -13.96
C LEU A 596 -18.02 -38.06 -14.93
N GLU A 597 -18.46 -38.96 -15.80
CA GLU A 597 -17.61 -39.54 -16.83
C GLU A 597 -17.52 -38.62 -18.04
N SER A 598 -18.57 -37.79 -18.21
CA SER A 598 -18.58 -36.79 -19.27
C SER A 598 -19.48 -35.64 -18.86
N PHE A 599 -19.26 -34.47 -19.45
CA PHE A 599 -20.06 -33.31 -19.09
C PHE A 599 -19.76 -32.21 -20.09
N GLN A 600 -20.52 -31.13 -20.03
CA GLN A 600 -20.29 -30.01 -20.96
C GLN A 600 -19.84 -28.76 -20.23
N LEU A 601 -19.02 -27.99 -20.91
CA LEU A 601 -18.65 -26.66 -20.42
C LEU A 601 -19.22 -25.59 -21.35
N THR A 602 -19.73 -24.50 -20.76
CA THR A 602 -20.21 -23.36 -21.54
C THR A 602 -19.01 -22.64 -22.17
N PRO A 603 -18.95 -22.52 -23.50
CA PRO A 603 -17.79 -21.83 -24.09
C PRO A 603 -17.76 -20.34 -23.79
N VAL A 604 -16.58 -19.73 -23.95
CA VAL A 604 -16.44 -18.28 -23.83
C VAL A 604 -17.25 -17.62 -24.94
N ASN A 605 -17.97 -16.52 -24.62
CA ASN A 605 -18.75 -15.74 -25.60
C ASN A 605 -17.87 -15.36 -26.81
N ALA A 606 -18.28 -15.79 -28.02
CA ALA A 606 -17.49 -15.49 -29.21
C ALA A 606 -17.42 -13.99 -29.54
N GLN A 607 -18.49 -13.26 -29.26
CA GLN A 607 -18.51 -11.82 -29.53
C GLN A 607 -17.56 -11.10 -28.57
N PHE A 608 -17.41 -11.64 -27.37
CA PHE A 608 -16.45 -11.10 -26.42
C PHE A 608 -15.04 -11.29 -26.96
N ILE A 609 -14.75 -12.50 -27.43
CA ILE A 609 -13.42 -12.78 -27.98
C ILE A 609 -13.16 -11.85 -29.18
N ASP A 610 -14.17 -11.66 -30.02
CA ASP A 610 -14.06 -10.74 -31.17
C ASP A 610 -13.74 -9.32 -30.72
N ALA A 611 -14.33 -8.91 -29.60
CA ALA A 611 -14.11 -7.57 -29.07
C ALA A 611 -12.69 -7.41 -28.55
N ILE A 612 -12.18 -8.40 -27.82
CA ILE A 612 -10.77 -8.40 -27.44
C ILE A 612 -9.88 -8.24 -28.69
N LYS A 613 -10.14 -9.00 -29.74
CA LYS A 613 -9.33 -8.95 -30.95
C LYS A 613 -9.37 -7.54 -31.56
N TYR A 614 -10.57 -7.00 -31.60
CA TYR A 614 -10.81 -5.65 -32.13
C TYR A 614 -9.94 -4.62 -31.39
N LEU A 615 -9.96 -4.67 -30.07
CA LEU A 615 -9.18 -3.70 -29.28
C LEU A 615 -7.69 -3.95 -29.44
N LEU A 616 -7.27 -5.22 -29.40
CA LEU A 616 -5.87 -5.55 -29.57
C LEU A 616 -5.32 -5.05 -30.90
N GLU A 617 -6.14 -5.14 -31.95
CA GLU A 617 -5.70 -4.81 -33.31
C GLU A 617 -5.83 -3.31 -33.60
N ASP A 618 -6.31 -2.55 -32.63
CA ASP A 618 -6.46 -1.11 -32.83
C ASP A 618 -5.14 -0.41 -32.48
N PRO A 619 -4.45 0.15 -33.50
CA PRO A 619 -3.11 0.67 -33.19
C PRO A 619 -3.15 1.94 -32.36
N HIS A 620 -4.32 2.54 -32.21
CA HIS A 620 -4.42 3.77 -31.43
C HIS A 620 -4.90 3.50 -30.04
N ALA A 621 -5.18 2.24 -29.74
CA ALA A 621 -5.58 1.84 -28.40
C ALA A 621 -4.36 1.70 -27.48
N ASP A 622 -4.59 1.80 -26.19
CA ASP A 622 -3.52 1.86 -25.20
C ASP A 622 -2.97 0.48 -24.81
N ALA A 623 -1.65 0.34 -24.87
CA ALA A 623 -1.01 -0.94 -24.56
C ALA A 623 -1.26 -1.46 -23.14
N GLY A 624 -1.24 -0.56 -22.15
CA GLY A 624 -1.51 -0.94 -20.79
C GLY A 624 -2.92 -1.50 -20.64
N PHE A 625 -3.87 -0.81 -21.24
CA PHE A 625 -5.26 -1.26 -21.18
C PHE A 625 -5.40 -2.65 -21.87
N LYS A 626 -4.74 -2.83 -23.00
CA LYS A 626 -4.74 -4.12 -23.70
C LYS A 626 -4.26 -5.24 -22.78
N SER A 627 -3.24 -4.98 -21.95
CA SER A 627 -2.71 -6.03 -21.10
CA SER A 627 -2.71 -6.03 -21.09
C SER A 627 -3.74 -6.44 -20.04
N TYR A 628 -4.60 -5.49 -19.62
CA TYR A 628 -5.66 -5.82 -18.67
C TYR A 628 -6.74 -6.69 -19.33
N ILE A 629 -7.07 -6.44 -20.60
CA ILE A 629 -8.25 -7.16 -21.14
C ILE A 629 -7.93 -8.60 -21.47
N VAL A 630 -6.66 -8.96 -21.64
CA VAL A 630 -6.31 -10.36 -21.94
C VAL A 630 -5.96 -11.12 -20.64
N SER A 631 -6.10 -10.45 -19.50
CA SER A 631 -5.82 -11.06 -18.20
C SER A 631 -7.14 -11.32 -17.47
N LEU A 632 -7.34 -12.53 -16.97
CA LEU A 632 -8.49 -12.78 -16.11
C LEU A 632 -8.39 -11.98 -14.81
N PRO A 633 -9.52 -11.72 -14.15
CA PRO A 633 -9.49 -11.07 -12.85
C PRO A 633 -8.61 -11.84 -11.87
N GLN A 634 -7.95 -11.07 -11.00
CA GLN A 634 -7.16 -11.63 -9.91
C GLN A 634 -7.87 -12.72 -9.13
N ASP A 635 -7.17 -13.78 -8.74
CA ASP A 635 -7.79 -14.79 -7.90
C ASP A 635 -8.45 -14.22 -6.66
N ARG A 636 -7.77 -13.25 -6.01
CA ARG A 636 -8.35 -12.68 -4.79
C ARG A 636 -9.64 -11.94 -5.09
N TYR A 637 -9.77 -11.36 -6.27
CA TYR A 637 -11.03 -10.74 -6.62
C TYR A 637 -12.10 -11.80 -6.84
N ILE A 638 -11.76 -12.87 -7.55
CA ILE A 638 -12.72 -13.93 -7.85
C ILE A 638 -13.25 -14.53 -6.53
N ILE A 639 -12.37 -14.75 -5.56
CA ILE A 639 -12.77 -15.46 -4.33
C ILE A 639 -13.86 -14.71 -3.55
N ASN A 640 -13.98 -13.40 -3.75
CA ASN A 640 -15.09 -12.70 -3.08
C ASN A 640 -16.48 -13.13 -3.56
N PHE A 641 -16.54 -13.86 -4.66
CA PHE A 641 -17.81 -14.22 -5.25
C PHE A 641 -18.19 -15.68 -5.15
N VAL A 642 -17.34 -16.48 -4.50
CA VAL A 642 -17.56 -17.92 -4.43
C VAL A 642 -17.49 -18.38 -2.99
N SER A 643 -18.52 -19.09 -2.52
CA SER A 643 -18.48 -19.78 -1.22
C SER A 643 -17.73 -21.10 -1.30
N ASN A 644 -16.97 -21.45 -0.29
CA ASN A 644 -16.31 -22.76 -0.22
C ASN A 644 -15.50 -23.03 -1.47
N LEU A 645 -14.71 -22.04 -1.85
CA LEU A 645 -14.01 -22.03 -3.12
C LEU A 645 -12.98 -23.15 -3.14
N ASP A 646 -13.14 -24.08 -4.09
CA ASP A 646 -12.22 -25.18 -4.35
C ASP A 646 -11.15 -24.62 -5.28
N THR A 647 -9.94 -24.44 -4.78
CA THR A 647 -8.90 -23.75 -5.55
C THR A 647 -8.48 -24.56 -6.78
N ASP A 648 -8.59 -25.88 -6.71
CA ASP A 648 -8.25 -26.76 -7.84
CA ASP A 648 -8.20 -26.67 -7.85
C ASP A 648 -9.24 -26.55 -8.96
N VAL A 649 -10.51 -26.50 -8.58
CA VAL A 649 -11.57 -26.29 -9.55
C VAL A 649 -11.43 -24.89 -10.14
N LEU A 650 -11.10 -23.87 -9.34
CA LEU A 650 -10.84 -22.55 -9.92
C LEU A 650 -9.66 -22.57 -10.90
N ALA A 651 -8.60 -23.28 -10.55
CA ALA A 651 -7.45 -23.38 -11.43
C ALA A 651 -7.86 -24.02 -12.76
N ASP A 652 -8.67 -25.08 -12.70
CA ASP A 652 -9.14 -25.69 -13.94
C ASP A 652 -10.04 -24.73 -14.75
N THR A 653 -10.82 -23.92 -14.04
CA THR A 653 -11.72 -22.98 -14.69
C THR A 653 -10.92 -21.93 -15.45
N LYS A 654 -9.94 -21.33 -14.77
CA LYS A 654 -9.07 -20.37 -15.44
C LYS A 654 -8.38 -20.97 -16.64
N GLU A 655 -7.86 -22.20 -16.47
CA GLU A 655 -7.16 -22.84 -17.56
C GLU A 655 -8.05 -23.01 -18.79
N TYR A 656 -9.28 -23.46 -18.57
CA TYR A 656 -10.21 -23.61 -19.69
C TYR A 656 -10.48 -22.31 -20.41
N ILE A 657 -10.72 -21.24 -19.65
CA ILE A 657 -11.05 -19.95 -20.26
C ILE A 657 -9.86 -19.37 -21.01
N TYR A 658 -8.67 -19.41 -20.40
CA TYR A 658 -7.48 -18.94 -21.15
C TYR A 658 -7.26 -19.75 -22.42
N LYS A 659 -7.48 -21.07 -22.39
CA LYS A 659 -7.25 -21.90 -23.56
C LYS A 659 -8.28 -21.58 -24.66
N GLN A 660 -9.53 -21.35 -24.25
CA GLN A 660 -10.59 -20.99 -25.20
C GLN A 660 -10.21 -19.74 -25.98
N ILE A 661 -9.76 -18.74 -25.23
CA ILE A 661 -9.45 -17.45 -25.85
C ILE A 661 -8.17 -17.58 -26.66
N GLY A 662 -7.16 -18.26 -26.11
CA GLY A 662 -5.92 -18.47 -26.86
C GLY A 662 -6.14 -19.25 -28.15
N ASP A 663 -7.01 -20.25 -28.11
CA ASP A 663 -7.23 -21.04 -29.34
C ASP A 663 -7.79 -20.16 -30.47
N LYS A 664 -8.39 -19.03 -30.12
CA LYS A 664 -8.85 -18.09 -31.15
C LYS A 664 -7.84 -16.98 -31.43
N LEU A 665 -7.14 -16.51 -30.39
CA LEU A 665 -6.36 -15.28 -30.57
C LEU A 665 -4.84 -15.46 -30.56
N ASN A 666 -4.31 -16.67 -30.40
CA ASN A 666 -2.84 -16.77 -30.28
C ASN A 666 -2.07 -16.16 -31.45
N ASP A 667 -2.57 -16.33 -32.68
CA ASP A 667 -1.84 -15.74 -33.81
C ASP A 667 -1.83 -14.22 -33.73
N VAL A 668 -2.93 -13.65 -33.25
CA VAL A 668 -3.00 -12.20 -32.99
C VAL A 668 -1.98 -11.80 -31.93
N TYR A 669 -1.92 -12.58 -30.85
CA TYR A 669 -0.98 -12.32 -29.77
C TYR A 669 0.46 -12.33 -30.28
N TYR A 670 0.77 -13.34 -31.08
CA TYR A 670 2.13 -13.50 -31.60
C TYR A 670 2.51 -12.35 -32.51
N LYS A 671 1.62 -12.00 -33.43
CA LYS A 671 1.85 -10.88 -34.33
C LYS A 671 2.14 -9.59 -33.55
N MET A 672 1.39 -9.37 -32.46
CA MET A 672 1.56 -8.17 -31.63
C MET A 672 2.86 -8.23 -30.87
N PHE A 673 3.17 -9.40 -30.31
CA PHE A 673 4.42 -9.56 -29.58
C PHE A 673 5.57 -9.12 -30.49
N LYS A 674 5.53 -9.53 -31.76
CA LYS A 674 6.61 -9.16 -32.67
C LYS A 674 6.57 -7.68 -33.11
N SER A 675 5.37 -7.13 -33.34
CA SER A 675 5.33 -5.78 -33.90
C SER A 675 5.60 -4.75 -32.81
N LEU A 676 5.39 -5.13 -31.56
CA LEU A 676 5.60 -4.21 -30.46
C LEU A 676 7.08 -4.05 -30.09
N GLU A 677 7.91 -4.95 -30.59
CA GLU A 677 9.32 -5.04 -30.12
CA GLU A 677 9.30 -5.04 -30.12
C GLU A 677 10.05 -3.73 -30.28
N ALA A 678 10.00 -3.14 -31.48
CA ALA A 678 10.81 -1.96 -31.77
C ALA A 678 10.55 -0.82 -30.78
N LYS A 679 9.29 -0.44 -30.57
CA LYS A 679 9.00 0.62 -29.62
C LYS A 679 9.15 0.20 -28.16
N ALA A 680 8.71 -1.02 -27.83
CA ALA A 680 8.77 -1.47 -26.44
C ALA A 680 10.20 -1.52 -25.90
N ASP A 681 11.14 -1.97 -26.73
CA ASP A 681 12.48 -2.29 -26.22
C ASP A 681 13.53 -1.26 -26.66
N ASP A 682 13.03 -0.13 -27.19
CA ASP A 682 13.88 0.98 -27.66
C ASP A 682 14.92 1.32 -26.57
N LEU A 683 16.19 1.35 -26.96
CA LEU A 683 17.28 1.57 -26.01
C LEU A 683 17.83 3.01 -26.07
N THR A 684 17.16 3.87 -26.83
CA THR A 684 17.68 5.23 -27.07
C THR A 684 18.04 5.92 -25.76
N TYR A 685 17.22 5.73 -24.73
CA TYR A 685 17.39 6.42 -23.46
C TYR A 685 17.80 5.50 -22.31
N PHE A 686 18.36 4.34 -22.64
CA PHE A 686 18.72 3.35 -21.62
C PHE A 686 19.72 3.90 -20.60
N ASN A 687 20.63 4.80 -21.04
CA ASN A 687 21.62 5.36 -20.12
C ASN A 687 21.30 6.75 -19.61
N ASP A 688 20.03 7.12 -19.73
CA ASP A 688 19.52 8.36 -19.17
C ASP A 688 18.50 8.04 -18.07
N GLU A 689 18.89 8.20 -16.81
CA GLU A 689 17.97 7.93 -15.70
C GLU A 689 16.95 9.01 -15.41
N SER A 690 16.95 10.08 -16.17
CA SER A 690 15.96 11.12 -15.97
C SER A 690 14.77 10.87 -16.88
N HIS A 691 14.95 9.95 -17.83
CA HIS A 691 14.00 9.78 -18.92
C HIS A 691 13.18 8.51 -18.69
N VAL A 692 11.94 8.66 -18.27
CA VAL A 692 11.09 7.53 -17.94
C VAL A 692 9.81 7.66 -18.77
N ASP A 693 9.49 6.59 -19.49
CA ASP A 693 8.43 6.59 -20.47
C ASP A 693 7.44 5.53 -20.04
N PHE A 694 6.38 5.97 -19.38
CA PHE A 694 5.39 5.03 -18.84
C PHE A 694 4.61 4.32 -19.95
N ASP A 695 4.40 4.97 -21.08
CA ASP A 695 3.76 4.27 -22.20
CA ASP A 695 3.78 4.29 -22.20
C ASP A 695 4.68 3.15 -22.71
N GLN A 696 5.97 3.41 -22.83
CA GLN A 696 6.90 2.37 -23.28
C GLN A 696 6.93 1.20 -22.30
N MET A 697 6.93 1.50 -21.01
CA MET A 697 6.89 0.41 -20.03
C MET A 697 5.59 -0.40 -20.16
N ASN A 698 4.48 0.28 -20.45
CA ASN A 698 3.21 -0.46 -20.68
C ASN A 698 3.27 -1.33 -21.93
N MET A 699 4.02 -0.88 -22.94
CA MET A 699 4.26 -1.74 -24.11
C MET A 699 5.03 -3.00 -23.73
N ARG A 700 6.03 -2.85 -22.85
CA ARG A 700 6.72 -4.05 -22.37
C ARG A 700 5.80 -4.94 -21.51
N THR A 701 4.96 -4.34 -20.66
CA THR A 701 4.00 -5.13 -19.89
C THR A 701 3.14 -5.94 -20.88
N LEU A 702 2.66 -5.30 -21.93
CA LEU A 702 1.84 -6.04 -22.91
C LEU A 702 2.63 -7.17 -23.57
N ARG A 703 3.86 -6.88 -23.99
CA ARG A 703 4.71 -7.87 -24.63
C ARG A 703 5.00 -9.06 -23.70
N ASN A 704 5.18 -8.79 -22.41
CA ASN A 704 5.47 -9.83 -21.44
C ASN A 704 4.22 -10.60 -21.05
N THR A 705 3.07 -9.94 -21.11
CA THR A 705 1.80 -10.61 -20.84
C THR A 705 1.50 -11.57 -22.00
N LEU A 706 1.66 -11.07 -23.22
CA LEU A 706 1.43 -11.93 -24.39
C LEU A 706 2.38 -13.11 -24.40
N LEU A 707 3.66 -12.85 -24.06
CA LEU A 707 4.64 -13.92 -24.11
C LEU A 707 4.28 -15.03 -23.12
N SER A 708 3.78 -14.62 -21.95
CA SER A 708 3.28 -15.61 -20.97
C SER A 708 2.12 -16.43 -21.53
N LEU A 709 1.15 -15.76 -22.15
CA LEU A 709 0.02 -16.49 -22.73
C LEU A 709 0.50 -17.46 -23.81
N LEU A 710 1.43 -17.01 -24.65
CA LEU A 710 1.92 -17.85 -25.74
C LEU A 710 2.78 -19.02 -25.24
N SER A 711 3.51 -18.82 -24.13
CA SER A 711 4.36 -19.88 -23.61
C SER A 711 3.53 -20.98 -22.95
N LYS A 712 2.56 -20.57 -22.13
CA LYS A 712 1.63 -21.54 -21.54
C LYS A 712 0.97 -22.34 -22.65
N ALA A 713 0.63 -21.67 -23.74
CA ALA A 713 -0.06 -22.31 -24.85
C ALA A 713 0.83 -23.25 -25.68
N GLN A 714 2.14 -23.20 -25.43
CA GLN A 714 3.10 -23.94 -26.25
C GLN A 714 2.96 -23.61 -27.71
N TYR A 715 2.79 -22.31 -27.98
CA TYR A 715 2.73 -21.79 -29.34
C TYR A 715 3.95 -22.26 -30.11
N PRO A 716 3.75 -22.69 -31.38
CA PRO A 716 4.88 -23.29 -32.08
C PRO A 716 6.14 -22.43 -32.11
N ASN A 717 7.25 -23.05 -31.73
CA ASN A 717 8.58 -22.42 -31.71
C ASN A 717 8.71 -21.18 -30.84
N ILE A 718 7.77 -20.96 -29.92
CA ILE A 718 7.84 -19.80 -29.05
C ILE A 718 9.10 -19.82 -28.16
N LEU A 719 9.70 -20.99 -27.97
CA LEU A 719 10.93 -21.04 -27.17
C LEU A 719 12.03 -20.20 -27.83
N ASN A 720 12.04 -20.12 -29.16
CA ASN A 720 12.95 -19.21 -29.86
C ASN A 720 12.83 -17.77 -29.36
N GLU A 721 11.59 -17.33 -29.26
CA GLU A 721 11.31 -15.98 -28.77
C GLU A 721 11.75 -15.81 -27.32
N ILE A 722 11.54 -16.86 -26.51
CA ILE A 722 11.91 -16.79 -25.10
C ILE A 722 13.42 -16.64 -24.93
N ILE A 723 14.17 -17.47 -25.66
CA ILE A 723 15.63 -17.40 -25.59
C ILE A 723 16.15 -16.05 -26.05
N GLU A 724 15.58 -15.48 -27.10
CA GLU A 724 16.01 -14.15 -27.55
C GLU A 724 15.64 -13.10 -26.54
N HIS A 725 14.46 -13.24 -25.94
CA HIS A 725 14.02 -12.31 -24.89
C HIS A 725 14.99 -12.27 -23.70
N SER A 726 15.60 -13.41 -23.40
CA SER A 726 16.54 -13.50 -22.28
C SER A 726 17.79 -12.67 -22.51
N LYS A 727 18.01 -12.22 -23.75
CA LYS A 727 19.19 -11.44 -24.12
C LYS A 727 18.91 -9.93 -24.09
N SER A 728 17.66 -9.57 -23.82
CA SER A 728 17.32 -8.15 -23.75
C SER A 728 18.03 -7.46 -22.57
N PRO A 729 18.44 -6.20 -22.75
CA PRO A 729 19.04 -5.43 -21.66
C PRO A 729 18.09 -5.10 -20.51
N TYR A 730 16.77 -5.16 -20.73
CA TYR A 730 15.81 -4.78 -19.72
C TYR A 730 15.47 -5.92 -18.76
N PRO A 731 15.71 -5.72 -17.45
CA PRO A 731 15.38 -6.80 -16.51
C PRO A 731 13.92 -7.24 -16.57
N SER A 732 12.99 -6.33 -16.86
CA SER A 732 11.59 -6.79 -16.99
C SER A 732 11.49 -7.89 -18.02
N ASN A 733 12.21 -7.71 -19.12
CA ASN A 733 12.21 -8.73 -20.18
C ASN A 733 13.00 -9.99 -19.79
N TRP A 734 14.25 -9.84 -19.35
CA TRP A 734 15.02 -11.08 -19.15
C TRP A 734 14.50 -11.85 -17.90
N LEU A 735 13.93 -11.16 -16.90
CA LEU A 735 13.26 -11.93 -15.83
C LEU A 735 11.98 -12.58 -16.33
N THR A 736 11.25 -11.92 -17.23
CA THR A 736 10.09 -12.57 -17.82
C THR A 736 10.54 -13.84 -18.56
N SER A 737 11.70 -13.80 -19.23
CA SER A 737 12.11 -14.96 -19.98
C SER A 737 12.27 -16.15 -19.03
N LEU A 738 12.74 -15.90 -17.80
CA LEU A 738 12.86 -16.96 -16.82
C LEU A 738 11.47 -17.51 -16.45
N SER A 739 10.54 -16.65 -16.06
CA SER A 739 9.26 -17.20 -15.63
C SER A 739 8.52 -17.91 -16.77
N VAL A 740 8.53 -17.38 -17.99
CA VAL A 740 7.77 -18.07 -19.06
C VAL A 740 8.47 -19.36 -19.53
N SER A 741 9.78 -19.49 -19.26
CA SER A 741 10.51 -20.70 -19.63
C SER A 741 10.15 -21.85 -18.71
N ALA A 742 9.39 -21.58 -17.65
CA ALA A 742 8.96 -22.65 -16.75
C ALA A 742 8.31 -23.82 -17.51
N TYR A 743 7.67 -23.50 -18.63
CA TYR A 743 6.96 -24.48 -19.45
C TYR A 743 7.86 -25.23 -20.44
N PHE A 744 9.18 -25.07 -20.32
CA PHE A 744 10.11 -25.64 -21.30
C PHE A 744 11.30 -26.26 -20.60
N ASP A 745 12.04 -27.10 -21.32
CA ASP A 745 13.18 -27.80 -20.71
C ASP A 745 14.38 -26.87 -20.49
N LYS A 746 14.27 -25.60 -20.91
CA LYS A 746 15.38 -24.66 -20.72
C LYS A 746 15.27 -23.87 -19.44
N TYR A 747 14.26 -24.16 -18.61
CA TYR A 747 14.08 -23.38 -17.38
C TYR A 747 15.33 -23.25 -16.51
N PHE A 748 16.00 -24.35 -16.18
CA PHE A 748 17.14 -24.21 -15.26
C PHE A 748 18.36 -23.57 -15.93
N GLU A 749 18.46 -23.71 -17.25
CA GLU A 749 19.45 -22.94 -18.01
C GLU A 749 19.20 -21.42 -17.81
N LEU A 750 17.94 -20.99 -17.93
CA LEU A 750 17.67 -19.57 -17.73
C LEU A 750 17.73 -19.17 -16.26
N TYR A 751 17.39 -20.10 -15.37
CA TYR A 751 17.56 -19.89 -13.94
C TYR A 751 19.01 -19.51 -13.63
N ASP A 752 19.95 -20.29 -14.16
CA ASP A 752 21.36 -19.99 -13.91
C ASP A 752 21.82 -18.72 -14.57
N LYS A 753 21.39 -18.51 -15.82
CA LYS A 753 21.79 -17.29 -16.54
C LYS A 753 21.30 -16.03 -15.83
N THR A 754 20.02 -16.00 -15.48
CA THR A 754 19.44 -14.82 -14.82
C THR A 754 19.97 -14.66 -13.38
N TYR A 755 20.24 -15.77 -12.67
CA TYR A 755 20.88 -15.66 -11.36
C TYR A 755 22.21 -14.92 -11.46
N LYS A 756 23.02 -15.31 -12.43
CA LYS A 756 24.32 -14.70 -12.62
C LYS A 756 24.20 -13.21 -12.95
N LEU A 757 23.18 -12.84 -13.71
CA LEU A 757 22.90 -11.43 -13.96
C LEU A 757 22.42 -10.67 -12.73
N SER A 758 21.79 -11.35 -11.76
CA SER A 758 21.15 -10.71 -10.63
C SER A 758 21.96 -10.66 -9.35
N LYS A 759 22.93 -11.56 -9.19
CA LYS A 759 23.47 -11.83 -7.87
C LYS A 759 24.27 -10.71 -7.25
N ASP A 760 24.74 -9.76 -8.05
CA ASP A 760 25.64 -8.72 -7.53
C ASP A 760 24.97 -7.38 -7.27
N ASP A 761 23.63 -7.37 -7.36
CA ASP A 761 22.85 -6.21 -6.94
C ASP A 761 21.77 -6.72 -5.99
N GLU A 762 21.79 -6.22 -4.77
CA GLU A 762 20.94 -6.70 -3.71
C GLU A 762 19.44 -6.70 -4.10
N LEU A 763 19.03 -5.62 -4.76
CA LEU A 763 17.61 -5.44 -5.07
C LEU A 763 17.24 -6.24 -6.31
N LEU A 764 18.14 -6.32 -7.28
CA LEU A 764 17.92 -7.17 -8.44
C LEU A 764 17.82 -8.64 -8.03
N LEU A 765 18.70 -9.08 -7.14
CA LEU A 765 18.62 -10.43 -6.63
C LEU A 765 17.27 -10.72 -5.96
N GLN A 766 16.72 -9.74 -5.24
CA GLN A 766 15.39 -9.94 -4.66
C GLN A 766 14.34 -10.06 -5.76
N GLU A 767 14.47 -9.31 -6.85
CA GLU A 767 13.53 -9.47 -7.96
C GLU A 767 13.68 -10.83 -8.65
N TRP A 768 14.91 -11.33 -8.71
CA TRP A 768 15.15 -12.68 -9.25
C TRP A 768 14.48 -13.71 -8.33
N LEU A 769 14.66 -13.54 -7.02
CA LEU A 769 13.99 -14.42 -6.05
C LEU A 769 12.47 -14.44 -6.27
N LYS A 770 11.87 -13.26 -6.44
CA LYS A 770 10.41 -13.23 -6.69
C LYS A 770 10.02 -13.97 -7.95
N THR A 771 10.83 -13.81 -9.00
CA THR A 771 10.56 -14.44 -10.28
C THR A 771 10.59 -15.96 -10.16
N VAL A 772 11.60 -16.47 -9.45
CA VAL A 772 11.68 -17.89 -9.20
C VAL A 772 10.47 -18.35 -8.37
N SER A 773 10.22 -17.64 -7.28
CA SER A 773 9.10 -17.93 -6.36
C SER A 773 7.74 -18.04 -7.09
N ARG A 774 7.52 -17.17 -8.08
CA ARG A 774 6.26 -17.15 -8.81
C ARG A 774 6.25 -18.04 -10.08
N SER A 775 7.35 -18.74 -10.33
CA SER A 775 7.46 -19.57 -11.53
C SER A 775 6.43 -20.71 -11.50
N ASP A 776 5.78 -20.96 -12.65
CA ASP A 776 4.76 -22.01 -12.71
C ASP A 776 5.42 -23.36 -12.96
N ARG A 777 6.00 -23.90 -11.88
CA ARG A 777 6.77 -25.14 -11.92
C ARG A 777 6.12 -26.25 -11.10
N LYS A 778 6.10 -27.46 -11.65
CA LYS A 778 5.58 -28.60 -10.93
C LYS A 778 6.48 -28.91 -9.72
N ASP A 779 7.78 -28.61 -9.87
CA ASP A 779 8.77 -28.87 -8.84
C ASP A 779 9.06 -27.63 -7.96
N ILE A 780 8.06 -26.76 -7.81
CA ILE A 780 8.29 -25.51 -7.10
C ILE A 780 8.68 -25.73 -5.62
N TYR A 781 8.21 -26.79 -4.94
CA TYR A 781 8.65 -27.02 -3.57
C TYR A 781 10.13 -27.33 -3.50
N GLU A 782 10.62 -28.11 -4.46
CA GLU A 782 12.03 -28.45 -4.51
C GLU A 782 12.87 -27.19 -4.80
N ILE A 783 12.33 -26.34 -5.67
CA ILE A 783 12.99 -25.09 -6.03
C ILE A 783 13.08 -24.17 -4.83
N LEU A 784 11.98 -24.08 -4.07
CA LEU A 784 12.00 -23.26 -2.86
C LEU A 784 13.04 -23.77 -1.88
N LYS A 785 13.15 -25.07 -1.74
CA LYS A 785 14.16 -25.63 -0.83
C LYS A 785 15.58 -25.25 -1.30
N LYS A 786 15.80 -25.26 -2.60
CA LYS A 786 17.07 -24.83 -3.16
C LYS A 786 17.34 -23.33 -2.89
N LEU A 787 16.33 -22.48 -3.05
CA LEU A 787 16.51 -21.06 -2.71
C LEU A 787 16.92 -20.89 -1.25
N GLU A 788 16.26 -21.63 -0.37
CA GLU A 788 16.52 -21.55 1.07
C GLU A 788 17.97 -21.93 1.34
N ASN A 789 18.41 -23.04 0.76
CA ASN A 789 19.77 -23.53 1.02
C ASN A 789 20.86 -22.72 0.36
N GLU A 790 20.58 -22.20 -0.83
CA GLU A 790 21.66 -21.62 -1.63
C GLU A 790 21.71 -20.11 -1.63
N VAL A 791 20.56 -19.47 -1.40
CA VAL A 791 20.49 -18.03 -1.52
C VAL A 791 19.95 -17.34 -0.27
N LEU A 792 18.77 -17.75 0.20
CA LEU A 792 18.13 -17.07 1.32
C LEU A 792 18.87 -17.31 2.64
N LYS A 793 19.08 -18.59 2.95
CA LYS A 793 19.77 -19.04 4.17
C LYS A 793 19.11 -18.39 5.38
N ASP A 794 19.89 -17.88 6.34
CA ASP A 794 19.23 -17.34 7.52
C ASP A 794 19.17 -15.80 7.50
N SER A 795 19.03 -15.22 6.31
CA SER A 795 18.86 -13.77 6.20
C SER A 795 17.68 -13.30 7.06
N LYS A 796 17.86 -12.18 7.75
CA LYS A 796 16.79 -11.53 8.49
C LYS A 796 16.27 -10.29 7.76
N ASN A 797 16.66 -10.14 6.51
CA ASN A 797 16.24 -8.99 5.71
C ASN A 797 14.81 -9.23 5.23
N PRO A 798 13.84 -8.40 5.64
CA PRO A 798 12.45 -8.64 5.24
C PRO A 798 12.32 -8.70 3.74
N ASN A 799 13.07 -7.90 2.98
CA ASN A 799 12.93 -7.99 1.52
C ASN A 799 13.32 -9.37 0.98
N ASP A 800 14.34 -10.02 1.58
CA ASP A 800 14.73 -11.38 1.13
C ASP A 800 13.63 -12.39 1.42
N ILE A 801 13.11 -12.36 2.64
CA ILE A 801 12.14 -13.34 3.11
C ILE A 801 10.82 -13.16 2.32
N ARG A 802 10.37 -11.91 2.17
CA ARG A 802 9.13 -11.68 1.40
C ARG A 802 9.28 -12.08 -0.05
N ALA A 803 10.46 -11.84 -0.62
CA ALA A 803 10.69 -12.20 -2.04
C ALA A 803 10.62 -13.71 -2.28
N VAL A 804 11.17 -14.49 -1.35
CA VAL A 804 11.21 -15.94 -1.53
C VAL A 804 9.82 -16.55 -1.37
N TYR A 805 9.03 -16.05 -0.44
CA TYR A 805 7.79 -16.77 -0.06
C TYR A 805 6.49 -16.18 -0.56
N LEU A 806 6.32 -14.84 -0.56
CA LEU A 806 5.01 -14.30 -0.92
C LEU A 806 4.56 -14.60 -2.35
N PRO A 807 5.43 -14.50 -3.36
CA PRO A 807 4.90 -14.80 -4.72
C PRO A 807 4.40 -16.24 -4.85
N PHE A 808 5.14 -17.18 -4.31
CA PHE A 808 4.73 -18.58 -4.29
C PHE A 808 3.35 -18.76 -3.66
N THR A 809 3.03 -17.96 -2.64
CA THR A 809 1.74 -18.16 -1.99
C THR A 809 0.59 -17.78 -2.93
N ASN A 810 0.90 -17.12 -4.05
CA ASN A 810 -0.14 -16.81 -5.03
C ASN A 810 -0.26 -17.86 -6.11
N ASN A 811 0.51 -18.94 -5.97
CA ASN A 811 0.41 -20.05 -6.89
C ASN A 811 -0.83 -20.88 -6.53
N LEU A 812 -1.91 -20.68 -7.29
CA LEU A 812 -3.20 -21.25 -6.91
C LEU A 812 -3.18 -22.75 -6.80
N ARG A 813 -2.58 -23.41 -7.78
CA ARG A 813 -2.55 -24.86 -7.78
C ARG A 813 -1.59 -25.46 -6.74
N ARG A 814 -0.42 -24.85 -6.53
CA ARG A 814 0.60 -25.46 -5.68
C ARG A 814 0.60 -25.03 -4.23
N PHE A 815 0.39 -23.73 -3.97
CA PHE A 815 0.37 -23.28 -2.59
C PHE A 815 -0.77 -23.95 -1.84
N HIS A 816 -1.88 -24.14 -2.53
CA HIS A 816 -3.08 -24.78 -1.99
C HIS A 816 -3.14 -26.30 -2.22
N ASP A 817 -1.98 -26.92 -2.43
CA ASP A 817 -1.90 -28.38 -2.49
C ASP A 817 -2.71 -28.99 -1.36
N ILE A 818 -3.55 -29.97 -1.71
CA ILE A 818 -4.53 -30.51 -0.78
C ILE A 818 -3.88 -31.26 0.38
N SER A 819 -2.59 -31.57 0.28
CA SER A 819 -1.87 -32.15 1.43
C SER A 819 -1.74 -31.16 2.59
N GLY A 820 -1.84 -29.87 2.25
CA GLY A 820 -1.60 -28.81 3.20
C GLY A 820 -0.13 -28.44 3.32
N LYS A 821 0.71 -29.00 2.47
CA LYS A 821 2.16 -28.78 2.62
C LYS A 821 2.57 -27.31 2.40
N GLY A 822 1.85 -26.58 1.56
CA GLY A 822 2.16 -25.17 1.38
C GLY A 822 1.79 -24.36 2.61
N TYR A 823 0.64 -24.67 3.20
CA TYR A 823 0.24 -24.02 4.44
C TYR A 823 1.26 -24.30 5.56
N LYS A 824 1.74 -25.54 5.63
CA LYS A 824 2.73 -25.94 6.61
C LYS A 824 4.02 -25.17 6.41
N LEU A 825 4.45 -25.06 5.15
CA LEU A 825 5.68 -24.33 4.86
C LEU A 825 5.57 -22.87 5.29
N ILE A 826 4.51 -22.16 4.91
CA ILE A 826 4.46 -20.73 5.24
CA ILE A 826 4.49 -20.72 5.23
C ILE A 826 4.30 -20.54 6.75
N ALA A 827 3.55 -21.41 7.42
CA ALA A 827 3.46 -21.27 8.88
C ALA A 827 4.82 -21.46 9.56
N GLU A 828 5.62 -22.41 9.09
CA GLU A 828 6.99 -22.54 9.63
C GLU A 828 7.80 -21.26 9.42
N VAL A 829 7.65 -20.65 8.25
CA VAL A 829 8.37 -19.39 8.00
C VAL A 829 7.85 -18.28 8.91
N ILE A 830 6.53 -18.20 9.08
CA ILE A 830 5.96 -17.21 9.98
C ILE A 830 6.50 -17.35 11.41
N THR A 831 6.47 -18.56 11.94
CA THR A 831 6.92 -18.79 13.31
C THR A 831 8.41 -18.48 13.45
N LYS A 832 9.19 -18.88 12.44
CA LYS A 832 10.64 -18.59 12.46
C LYS A 832 10.88 -17.08 12.46
N THR A 833 10.17 -16.37 11.58
CA THR A 833 10.34 -14.93 11.44
C THR A 833 9.88 -14.18 12.69
N ASP A 834 8.85 -14.72 13.36
CA ASP A 834 8.27 -14.06 14.53
C ASP A 834 9.24 -13.92 15.70
N LYS A 835 10.25 -14.78 15.71
CA LYS A 835 11.27 -14.73 16.74
C LYS A 835 12.03 -13.40 16.72
N PHE A 836 12.17 -12.83 15.54
CA PHE A 836 13.00 -11.61 15.44
C PHE A 836 12.27 -10.42 14.83
N ASN A 837 11.18 -10.65 14.11
CA ASN A 837 10.44 -9.54 13.50
C ASN A 837 8.94 -9.81 13.44
N PRO A 838 8.22 -9.50 14.51
CA PRO A 838 6.77 -9.79 14.58
C PRO A 838 5.97 -9.08 13.54
N MET A 839 6.33 -7.83 13.19
CA MET A 839 5.59 -7.11 12.17
C MET A 839 5.69 -7.87 10.83
N VAL A 840 6.89 -8.33 10.46
CA VAL A 840 7.02 -9.01 9.18
C VAL A 840 6.38 -10.41 9.22
N ALA A 841 6.46 -11.07 10.40
CA ALA A 841 5.79 -12.37 10.56
C ALA A 841 4.29 -12.20 10.29
N THR A 842 3.72 -11.09 10.74
CA THR A 842 2.30 -10.88 10.54
CA THR A 842 2.27 -10.90 10.51
C THR A 842 2.00 -10.61 9.04
N GLN A 843 2.92 -9.93 8.34
CA GLN A 843 2.76 -9.80 6.88
C GLN A 843 2.73 -11.13 6.17
N LEU A 844 3.53 -12.08 6.65
CA LEU A 844 3.65 -13.37 6.01
C LEU A 844 2.38 -14.22 6.24
N CYS A 845 1.51 -13.77 7.14
CA CYS A 845 0.22 -14.43 7.33
C CYS A 845 -0.76 -14.14 6.21
N GLU A 846 -0.40 -13.24 5.31
CA GLU A 846 -1.37 -12.76 4.30
C GLU A 846 -2.18 -13.89 3.60
N PRO A 847 -1.54 -15.00 3.17
CA PRO A 847 -2.37 -15.98 2.42
C PRO A 847 -3.46 -16.62 3.26
N PHE A 848 -3.33 -16.60 4.60
CA PHE A 848 -4.37 -17.17 5.44
C PHE A 848 -5.60 -16.27 5.57
N LYS A 849 -5.53 -15.03 5.05
CA LYS A 849 -6.65 -14.10 5.31
C LYS A 849 -7.98 -14.60 4.72
N LEU A 850 -7.91 -15.44 3.68
CA LEU A 850 -9.14 -15.93 3.02
C LEU A 850 -9.52 -17.34 3.51
N TRP A 851 -8.95 -17.80 4.62
CA TRP A 851 -9.09 -19.22 5.00
C TRP A 851 -10.55 -19.70 5.06
N ASN A 852 -11.43 -18.85 5.55
CA ASN A 852 -12.79 -19.33 5.76
C ASN A 852 -13.64 -19.19 4.49
N LYS A 853 -12.99 -18.82 3.39
CA LYS A 853 -13.66 -18.74 2.08
C LYS A 853 -13.41 -19.96 1.22
N LEU A 854 -12.52 -20.85 1.65
CA LEU A 854 -12.10 -21.98 0.83
C LEU A 854 -13.02 -23.17 1.05
N ASP A 855 -12.79 -24.23 0.28
CA ASP A 855 -13.52 -25.48 0.50
C ASP A 855 -13.23 -26.02 1.89
N THR A 856 -14.13 -26.85 2.41
CA THR A 856 -14.07 -27.30 3.79
CA THR A 856 -14.02 -27.20 3.81
C THR A 856 -12.75 -27.98 4.17
N LYS A 857 -12.18 -28.74 3.25
CA LYS A 857 -10.92 -29.41 3.54
CA LYS A 857 -10.92 -29.42 3.51
C LYS A 857 -9.79 -28.39 3.70
N ARG A 858 -9.70 -27.44 2.79
CA ARG A 858 -8.64 -26.47 2.90
C ARG A 858 -8.87 -25.54 4.09
N GLN A 859 -10.13 -25.24 4.42
CA GLN A 859 -10.38 -24.47 5.66
C GLN A 859 -9.75 -25.15 6.87
N GLU A 860 -10.01 -26.45 7.02
CA GLU A 860 -9.50 -27.26 8.11
C GLU A 860 -7.95 -27.26 8.11
N LEU A 861 -7.35 -27.42 6.95
CA LEU A 861 -5.90 -27.45 6.87
C LEU A 861 -5.28 -26.10 7.30
N MET A 862 -5.85 -25.00 6.80
CA MET A 862 -5.33 -23.69 7.20
C MET A 862 -5.55 -23.43 8.66
N LEU A 863 -6.74 -23.78 9.15
CA LEU A 863 -7.04 -23.52 10.57
C LEU A 863 -6.12 -24.31 11.45
N ASN A 864 -5.78 -25.54 11.06
CA ASN A 864 -4.82 -26.33 11.82
CA ASN A 864 -4.84 -26.33 11.81
C ASN A 864 -3.48 -25.63 11.94
N GLU A 865 -2.99 -25.05 10.85
CA GLU A 865 -1.68 -24.38 10.91
C GLU A 865 -1.77 -23.11 11.73
N MET A 866 -2.88 -22.37 11.61
CA MET A 866 -3.00 -21.17 12.44
C MET A 866 -3.08 -21.54 13.91
N ASN A 867 -3.76 -22.63 14.25
CA ASN A 867 -3.83 -23.03 15.65
C ASN A 867 -2.47 -23.51 16.15
N THR A 868 -1.73 -24.17 15.27
CA THR A 868 -0.36 -24.56 15.60
C THR A 868 0.50 -23.30 15.91
N MET A 869 0.41 -22.31 15.05
CA MET A 869 1.17 -21.07 15.28
C MET A 869 0.77 -20.43 16.60
N LEU A 870 -0.53 -20.42 16.90
CA LEU A 870 -1.05 -19.80 18.12
C LEU A 870 -0.56 -20.51 19.39
N GLN A 871 -0.22 -21.78 19.28
CA GLN A 871 0.23 -22.55 20.43
C GLN A 871 1.73 -22.43 20.68
N GLU A 872 2.44 -21.68 19.85
CA GLU A 872 3.87 -21.46 20.12
C GLU A 872 4.06 -20.64 21.38
N PRO A 873 4.81 -21.20 22.35
CA PRO A 873 4.95 -20.51 23.63
C PRO A 873 5.53 -19.11 23.53
N GLN A 874 6.40 -18.91 22.55
CA GLN A 874 7.10 -17.64 22.41
C GLN A 874 6.44 -16.71 21.39
N ILE A 875 5.20 -16.99 21.03
CA ILE A 875 4.51 -16.10 20.06
C ILE A 875 4.48 -14.61 20.47
N SER A 876 4.68 -13.75 19.47
CA SER A 876 4.71 -12.32 19.69
C SER A 876 3.31 -11.76 19.98
N ASN A 877 3.25 -10.58 20.59
CA ASN A 877 1.97 -9.89 20.69
C ASN A 877 1.29 -9.65 19.35
N ASN A 878 2.05 -9.20 18.36
CA ASN A 878 1.50 -8.95 17.02
C ASN A 878 0.84 -10.17 16.44
N LEU A 879 1.58 -11.26 16.43
CA LEU A 879 1.12 -12.45 15.73
C LEU A 879 -0.04 -13.09 16.47
N LYS A 880 0.06 -13.13 17.80
CA LYS A 880 -1.05 -13.67 18.62
C LYS A 880 -2.37 -12.90 18.37
N GLU A 881 -2.33 -11.57 18.50
CA GLU A 881 -3.51 -10.74 18.31
C GLU A 881 -4.08 -10.95 16.92
N TYR A 882 -3.19 -10.97 15.92
CA TYR A 882 -3.64 -11.10 14.55
C TYR A 882 -4.33 -12.43 14.31
N LEU A 883 -3.70 -13.51 14.76
CA LEU A 883 -4.26 -14.82 14.48
C LEU A 883 -5.51 -15.06 15.32
N LEU A 884 -5.55 -14.50 16.52
CA LEU A 884 -6.79 -14.67 17.31
C LEU A 884 -7.97 -13.98 16.62
N ARG A 885 -7.76 -12.77 16.08
CA ARG A 885 -8.80 -12.09 15.32
C ARG A 885 -9.14 -12.84 14.04
N LEU A 886 -8.13 -13.34 13.33
CA LEU A 886 -8.38 -13.99 12.04
C LEU A 886 -9.13 -15.28 12.19
N THR A 887 -8.87 -16.02 13.26
CA THR A 887 -9.56 -17.29 13.48
C THR A 887 -10.83 -17.16 14.30
N ASN A 888 -11.29 -15.92 14.55
CA ASN A 888 -12.54 -15.69 15.30
C ASN A 888 -12.53 -16.31 16.69
N LYS A 889 -11.43 -16.17 17.40
CA LYS A 889 -11.39 -16.67 18.77
C LYS A 889 -11.76 -15.57 19.74
#